data_8FD1
#
_entry.id   8FD1
#
_cell.length_a   120.289
_cell.length_b   120.289
_cell.length_c   227.577
_cell.angle_alpha   90.000
_cell.angle_beta   90.000
_cell.angle_gamma   120.000
#
_symmetry.space_group_name_H-M   'P 31 2 1'
#
loop_
_entity.id
_entity.type
_entity.pdbx_description
1 polymer Rhodopsin
2 polymer 'Nanobody Nb2'
3 branched 2-acetamido-2-deoxy-beta-D-glucopyranose-(1-2)-alpha-D-mannopyranose-(1-3)-[alpha-D-mannopyranose-(1-6)]beta-D-mannopyranose-(1-4)-2-acetamido-2-deoxy-beta-D-glucopyranose-(1-4)-2-acetamido-2-deoxy-beta-D-glucopyranose
4 branched beta-D-mannopyranose-(1-4)-2-acetamido-2-deoxy-beta-D-glucopyranose-(1-4)-2-acetamido-2-deoxy-beta-D-glucopyranose
5 branched alpha-D-mannopyranose-(1-3)-[alpha-D-mannopyranose-(1-6)]beta-D-mannopyranose-(1-4)-2-acetamido-2-deoxy-beta-D-glucopyranose-(1-4)-2-acetamido-2-deoxy-beta-D-glucopyranose
6 branched 2-acetamido-2-deoxy-beta-D-glucopyranose-(1-4)-2-acetamido-2-deoxy-beta-D-glucopyranose
#
loop_
_entity_poly.entity_id
_entity_poly.type
_entity_poly.pdbx_seq_one_letter_code
_entity_poly.pdbx_strand_id
1 'polypeptide(L)'
;MNGTEGPNFYVPFSNKTGVVRSPFEAPQYYLAEPWQFSMLAAYMFLLIMLGFPINFLTLYVTVQHKKLRTPLNYILLNLA
VADLFMVFGGFTTTLYTSLHGYFVFGPTGCNLEGFFATLGGEIALWSLVVLAIERYVVVCKPMSNFRFGENHAIMGVAFT
WVMALACAAPPLVGWSRYIPEGMQCSCGIDYYTPHEETNNESFVIYMFVVHFIIPLIVIFFCYGQLVFTVKEAAAQQQES
ATTQKAEKEVTRMVIIMVIAFLICWLPYAGVAFYIFTHQGSDFGPIFMTIPAFFAKTSAVYNPVIYIMMNKQFRNCMVTT
LCCGKNPLGDDEASTTVSKTETSQVAPA
;
A,B
2 'polypeptide(L)'
;QVQLVESGGGLVQPGGSLRLSCAASGFTFSKYAMNWVRQPPGKGLEWVSGIRPSGDNPTYADSVEGRFTIIRDNDKKMVY
LQMTSLKTEDTAVYYCTRGYGTMTIEGQGTQVTVSSHHHHHHEPEA
;
C,D
#
loop_
_chem_comp.id
_chem_comp.type
_chem_comp.name
_chem_comp.formula
BMA D-saccharide, beta linking beta-D-mannopyranose 'C6 H12 O6'
MAN D-saccharide, alpha linking alpha-D-mannopyranose 'C6 H12 O6'
NAG D-saccharide, beta linking 2-acetamido-2-deoxy-beta-D-glucopyranose 'C8 H15 N O6'
#
# COMPACT_ATOMS: atom_id res chain seq x y z
N MET A 1 1.90 28.44 20.41
CA MET A 1 0.99 27.45 21.06
C MET A 1 1.77 26.16 21.29
N ASN A 2 1.22 25.25 22.11
CA ASN A 2 1.83 23.93 22.34
C ASN A 2 1.49 23.00 21.19
N GLY A 3 0.18 22.75 21.05
CA GLY A 3 -0.36 21.96 19.96
C GLY A 3 -1.14 22.83 18.98
N THR A 4 -1.40 22.27 17.79
CA THR A 4 -2.05 23.00 16.72
C THR A 4 -3.39 22.33 16.38
N GLU A 5 -4.49 23.04 16.69
CA GLU A 5 -5.84 22.53 16.49
C GLU A 5 -6.34 23.01 15.13
N GLY A 6 -7.05 22.11 14.43
CA GLY A 6 -7.70 22.46 13.19
C GLY A 6 -9.13 21.94 13.17
N PRO A 7 -9.89 22.17 12.08
CA PRO A 7 -11.28 21.70 12.00
C PRO A 7 -11.43 20.19 12.19
N ASN A 8 -10.56 19.42 11.53
CA ASN A 8 -10.64 17.96 11.50
C ASN A 8 -9.74 17.34 12.57
N PHE A 9 -8.65 18.05 12.91
CA PHE A 9 -7.46 17.42 13.44
C PHE A 9 -6.88 18.22 14.61
N TYR A 10 -5.90 17.60 15.28
CA TYR A 10 -5.10 18.27 16.29
C TYR A 10 -3.69 17.68 16.24
N VAL A 11 -2.73 18.52 15.85
CA VAL A 11 -1.34 18.14 15.72
C VAL A 11 -0.62 18.47 17.03
N PRO A 12 -0.03 17.49 17.73
CA PRO A 12 0.67 17.74 18.99
C PRO A 12 2.07 18.32 18.73
N PHE A 13 2.09 19.55 18.20
CA PHE A 13 3.32 20.22 17.82
C PHE A 13 3.03 21.68 17.54
N SER A 14 3.92 22.55 18.03
CA SER A 14 3.73 23.99 17.95
C SER A 14 3.88 24.47 16.51
N ASN A 15 2.96 25.32 16.06
CA ASN A 15 3.05 25.95 14.75
C ASN A 15 3.80 27.28 14.84
N LYS A 16 4.51 27.49 15.96
CA LYS A 16 5.37 28.66 16.15
C LYS A 16 6.35 28.72 14.98
N THR A 17 6.81 27.53 14.58
CA THR A 17 7.75 27.39 13.47
C THR A 17 7.10 27.83 12.17
N GLY A 18 5.78 27.58 12.00
CA GLY A 18 5.06 27.90 10.77
C GLY A 18 4.86 26.67 9.88
N VAL A 19 5.47 25.56 10.31
CA VAL A 19 5.66 24.35 9.52
C VAL A 19 4.39 23.50 9.55
N VAL A 20 3.62 23.61 10.64
CA VAL A 20 2.52 22.70 10.88
C VAL A 20 1.52 22.80 9.73
N ARG A 21 1.08 21.63 9.28
CA ARG A 21 0.10 21.49 8.22
C ARG A 21 -0.89 20.40 8.63
N SER A 22 -2.05 20.37 7.98
CA SER A 22 -3.10 19.39 8.28
C SER A 22 -2.60 17.99 7.91
N PRO A 23 -2.87 16.95 8.74
CA PRO A 23 -2.59 15.57 8.36
C PRO A 23 -3.64 14.98 7.42
N PHE A 24 -4.56 15.83 6.92
CA PHE A 24 -5.44 15.44 5.84
C PHE A 24 -5.06 16.19 4.56
N GLU A 25 -3.77 16.52 4.41
CA GLU A 25 -3.34 17.35 3.29
C GLU A 25 -1.89 17.01 2.94
N ALA A 26 -0.99 17.17 3.92
CA ALA A 26 0.44 17.00 3.69
C ALA A 26 1.00 15.97 4.66
N PRO A 27 2.17 15.35 4.34
CA PRO A 27 2.83 14.44 5.27
C PRO A 27 3.41 15.17 6.47
N GLN A 28 3.50 14.45 7.61
CA GLN A 28 3.80 15.06 8.88
C GLN A 28 5.22 14.68 9.29
N TYR A 29 6.20 15.01 8.44
CA TYR A 29 7.57 14.59 8.66
C TYR A 29 8.30 15.58 9.57
N TYR A 30 7.67 16.73 9.85
CA TYR A 30 8.21 17.65 10.84
C TYR A 30 7.93 17.12 12.25
N LEU A 31 6.97 16.20 12.41
CA LEU A 31 6.60 15.66 13.70
C LEU A 31 7.67 14.71 14.24
N ALA A 32 8.04 13.73 13.40
CA ALA A 32 9.06 12.76 13.73
C ALA A 32 9.94 12.56 12.50
N GLU A 33 10.97 11.71 12.64
CA GLU A 33 11.90 11.44 11.56
C GLU A 33 11.19 10.62 10.49
N PRO A 34 11.46 10.84 9.18
CA PRO A 34 10.69 10.17 8.13
C PRO A 34 10.81 8.64 8.13
N TRP A 35 11.92 8.15 8.69
CA TRP A 35 12.18 6.71 8.80
C TRP A 35 11.31 6.07 9.90
N GLN A 36 10.89 6.87 10.88
CA GLN A 36 10.01 6.39 11.94
C GLN A 36 8.62 6.10 11.38
N PHE A 37 8.22 6.85 10.35
CA PHE A 37 6.98 6.59 9.64
C PHE A 37 7.08 5.29 8.86
N SER A 38 8.27 5.02 8.34
CA SER A 38 8.56 3.75 7.70
C SER A 38 8.59 2.63 8.74
N MET A 39 9.10 2.92 9.94
CA MET A 39 9.11 1.94 11.02
C MET A 39 7.68 1.57 11.40
N LEU A 40 6.77 2.55 11.36
CA LEU A 40 5.37 2.28 11.64
C LEU A 40 4.81 1.32 10.60
N ALA A 41 5.00 1.63 9.32
CA ALA A 41 4.55 0.76 8.25
C ALA A 41 5.17 -0.63 8.38
N ALA A 42 6.43 -0.70 8.83
CA ALA A 42 7.11 -1.98 9.03
C ALA A 42 6.42 -2.79 10.12
N TYR A 43 6.23 -2.17 11.29
CA TYR A 43 5.48 -2.75 12.40
C TYR A 43 4.08 -3.14 11.97
N MET A 44 3.41 -2.20 11.27
CA MET A 44 1.99 -2.30 10.94
C MET A 44 1.77 -3.33 9.85
N PHE A 45 2.78 -3.54 9.01
CA PHE A 45 2.77 -4.61 8.01
C PHE A 45 2.64 -5.95 8.72
N LEU A 46 3.47 -6.17 9.75
CA LEU A 46 3.62 -7.47 10.38
C LEU A 46 2.39 -7.83 11.21
N LEU A 47 1.65 -6.80 11.67
CA LEU A 47 0.36 -7.00 12.30
C LEU A 47 -0.63 -7.56 11.29
N ILE A 48 -0.63 -7.02 10.05
CA ILE A 48 -1.51 -7.51 8.99
C ILE A 48 -0.99 -8.84 8.47
N MET A 49 0.34 -9.01 8.52
CA MET A 49 0.99 -10.18 7.96
C MET A 49 0.65 -11.41 8.81
N LEU A 50 0.82 -11.30 10.14
CA LEU A 50 0.48 -12.41 11.04
C LEU A 50 -0.92 -12.24 11.61
N GLY A 51 -1.63 -11.20 11.17
CA GLY A 51 -3.02 -10.97 11.55
C GLY A 51 -3.97 -11.90 10.81
N PHE A 52 -3.97 -11.81 9.48
CA PHE A 52 -4.87 -12.58 8.64
C PHE A 52 -4.69 -14.09 8.85
N PRO A 53 -3.46 -14.67 8.71
CA PRO A 53 -3.29 -16.13 8.74
C PRO A 53 -3.70 -16.81 10.05
N ILE A 54 -3.32 -16.18 11.16
CA ILE A 54 -3.58 -16.71 12.49
C ILE A 54 -5.08 -16.64 12.77
N ASN A 55 -5.72 -15.53 12.36
CA ASN A 55 -7.15 -15.34 12.57
C ASN A 55 -7.97 -16.17 11.58
N PHE A 56 -7.51 -16.27 10.33
CA PHE A 56 -8.26 -16.98 9.31
C PHE A 56 -8.23 -18.49 9.54
N LEU A 57 -7.06 -19.03 9.92
CA LEU A 57 -6.97 -20.43 10.32
C LEU A 57 -7.86 -20.68 11.53
N THR A 58 -7.81 -19.78 12.52
CA THR A 58 -8.61 -19.90 13.73
C THR A 58 -10.10 -19.77 13.42
N LEU A 59 -10.46 -18.97 12.40
CA LEU A 59 -11.84 -18.83 11.98
C LEU A 59 -12.32 -20.09 11.24
N TYR A 60 -11.45 -20.60 10.37
CA TYR A 60 -11.73 -21.74 9.50
C TYR A 60 -11.85 -23.02 10.32
N VAL A 61 -10.81 -23.29 11.14
CA VAL A 61 -10.71 -24.50 11.94
C VAL A 61 -11.88 -24.62 12.91
N THR A 62 -12.31 -23.50 13.52
CA THR A 62 -13.41 -23.52 14.48
C THR A 62 -14.71 -23.95 13.79
N VAL A 63 -14.99 -23.40 12.59
CA VAL A 63 -16.25 -23.71 11.91
C VAL A 63 -16.16 -25.06 11.20
N GLN A 64 -14.99 -25.38 10.64
CA GLN A 64 -14.72 -26.72 10.16
C GLN A 64 -14.64 -27.65 11.38
N THR A 70 -18.11 -25.00 22.13
CA THR A 70 -18.09 -24.57 23.54
C THR A 70 -18.12 -23.03 23.57
N PRO A 71 -18.80 -22.40 24.57
CA PRO A 71 -18.84 -20.95 24.71
C PRO A 71 -17.53 -20.22 24.40
N LEU A 72 -16.41 -20.83 24.85
CA LEU A 72 -15.07 -20.34 24.63
C LEU A 72 -14.78 -20.17 23.14
N ASN A 73 -15.18 -21.16 22.34
CA ASN A 73 -14.83 -21.23 20.93
C ASN A 73 -15.65 -20.24 20.12
N TYR A 74 -16.90 -19.97 20.58
CA TYR A 74 -17.80 -18.98 20.00
C TYR A 74 -17.21 -17.57 20.13
N ILE A 75 -16.68 -17.28 21.32
CA ILE A 75 -16.04 -16.00 21.61
C ILE A 75 -14.74 -15.88 20.82
N LEU A 76 -13.92 -16.95 20.82
CA LEU A 76 -12.59 -16.89 20.21
C LEU A 76 -12.66 -17.07 18.70
N LEU A 77 -13.86 -17.41 18.19
CA LEU A 77 -14.19 -17.21 16.79
C LEU A 77 -14.70 -15.79 16.55
N ASN A 78 -15.53 -15.28 17.48
CA ASN A 78 -16.02 -13.90 17.41
C ASN A 78 -14.86 -12.92 17.33
N LEU A 79 -13.79 -13.20 18.10
CA LEU A 79 -12.57 -12.41 18.10
C LEU A 79 -11.83 -12.57 16.78
N ALA A 80 -11.66 -13.82 16.31
CA ALA A 80 -11.07 -14.07 15.02
C ALA A 80 -11.79 -13.30 13.91
N VAL A 81 -13.11 -13.07 14.07
CA VAL A 81 -13.90 -12.26 13.14
C VAL A 81 -13.51 -10.78 13.26
N ALA A 82 -13.63 -10.24 14.48
CA ALA A 82 -13.38 -8.82 14.72
C ALA A 82 -11.92 -8.47 14.49
N ASP A 83 -11.01 -9.44 14.72
CA ASP A 83 -9.59 -9.27 14.51
C ASP A 83 -9.31 -9.12 13.01
N LEU A 84 -10.13 -9.76 12.17
CA LEU A 84 -10.04 -9.65 10.73
C LEU A 84 -10.71 -8.36 10.25
N PHE A 85 -11.75 -7.90 10.96
CA PHE A 85 -12.30 -6.57 10.75
C PHE A 85 -11.27 -5.50 11.06
N MET A 86 -10.46 -5.72 12.10
CA MET A 86 -9.37 -4.83 12.46
C MET A 86 -8.35 -4.79 11.32
N VAL A 87 -7.92 -5.99 10.89
CA VAL A 87 -6.83 -6.15 9.94
C VAL A 87 -7.19 -5.48 8.61
N PHE A 88 -8.38 -5.83 8.08
CA PHE A 88 -8.77 -5.40 6.76
C PHE A 88 -9.44 -4.02 6.84
N GLY A 89 -10.12 -3.72 7.94
CA GLY A 89 -10.83 -2.46 8.10
C GLY A 89 -9.91 -1.33 8.55
N GLY A 90 -9.12 -1.60 9.60
CA GLY A 90 -8.31 -0.60 10.27
C GLY A 90 -6.86 -0.61 9.79
N PHE A 91 -6.18 -1.74 10.00
CA PHE A 91 -4.73 -1.83 9.83
C PHE A 91 -4.30 -1.46 8.42
N THR A 92 -5.11 -1.84 7.43
CA THR A 92 -4.83 -1.52 6.04
C THR A 92 -4.69 -0.01 5.87
N THR A 93 -5.64 0.76 6.43
CA THR A 93 -5.65 2.21 6.30
C THR A 93 -4.38 2.80 6.91
N THR A 94 -4.03 2.34 8.12
CA THR A 94 -2.93 2.90 8.90
C THR A 94 -1.58 2.45 8.34
N LEU A 95 -1.53 1.28 7.71
CA LEU A 95 -0.31 0.83 7.06
C LEU A 95 -0.04 1.69 5.83
N TYR A 96 -1.12 2.06 5.12
CA TYR A 96 -1.02 2.90 3.93
C TYR A 96 -0.74 4.35 4.29
N THR A 97 -1.40 4.82 5.37
CA THR A 97 -1.20 6.16 5.88
C THR A 97 0.21 6.34 6.45
N SER A 98 0.78 5.27 7.04
CA SER A 98 2.15 5.28 7.53
C SER A 98 3.13 5.57 6.39
N LEU A 99 2.82 5.04 5.19
CA LEU A 99 3.66 5.22 4.02
C LEU A 99 3.69 6.69 3.66
N HIS A 100 2.50 7.25 3.38
CA HIS A 100 2.38 8.61 2.90
C HIS A 100 2.74 9.59 4.02
N GLY A 101 2.46 9.20 5.27
CA GLY A 101 2.82 9.99 6.43
C GLY A 101 1.66 10.88 6.89
N TYR A 102 0.47 10.63 6.33
CA TYR A 102 -0.72 11.38 6.67
C TYR A 102 -1.93 10.66 6.10
N PHE A 103 -3.11 10.96 6.68
CA PHE A 103 -4.37 10.37 6.23
C PHE A 103 -4.71 10.92 4.85
N VAL A 104 -4.09 10.27 3.86
CA VAL A 104 -4.21 10.66 2.47
C VAL A 104 -5.61 10.32 1.99
N PHE A 105 -6.22 9.28 2.59
CA PHE A 105 -7.56 8.84 2.24
C PHE A 105 -8.58 9.93 2.54
N GLY A 106 -8.38 10.66 3.65
CA GLY A 106 -9.21 11.81 3.97
C GLY A 106 -9.88 11.64 5.33
N PRO A 107 -10.75 12.59 5.74
CA PRO A 107 -11.40 12.54 7.07
C PRO A 107 -12.13 11.21 7.32
N THR A 108 -12.76 10.69 6.27
CA THR A 108 -13.46 9.42 6.33
C THR A 108 -12.43 8.28 6.38
N GLY A 109 -11.27 8.47 5.75
CA GLY A 109 -10.16 7.54 5.86
C GLY A 109 -9.69 7.35 7.31
N CYS A 110 -9.76 8.43 8.11
CA CYS A 110 -9.44 8.38 9.54
C CYS A 110 -10.50 7.58 10.31
N ASN A 111 -11.78 7.76 9.93
CA ASN A 111 -12.88 7.13 10.64
C ASN A 111 -12.74 5.61 10.59
N LEU A 112 -12.33 5.06 9.44
CA LEU A 112 -12.06 3.63 9.27
C LEU A 112 -11.07 3.12 10.31
N GLU A 113 -9.92 3.79 10.39
CA GLU A 113 -8.82 3.36 11.24
C GLU A 113 -9.31 3.29 12.69
N GLY A 114 -9.99 4.38 13.12
CA GLY A 114 -10.46 4.52 14.49
C GLY A 114 -11.63 3.59 14.82
N PHE A 115 -12.47 3.31 13.82
CA PHE A 115 -13.70 2.55 14.04
C PHE A 115 -13.38 1.10 14.41
N PHE A 116 -12.54 0.44 13.61
CA PHE A 116 -12.25 -0.98 13.79
C PHE A 116 -11.18 -1.16 14.86
N ALA A 117 -10.41 -0.11 15.15
CA ALA A 117 -9.58 -0.08 16.35
C ALA A 117 -10.47 -0.05 17.59
N THR A 118 -11.64 0.61 17.49
CA THR A 118 -12.60 0.71 18.58
C THR A 118 -13.42 -0.57 18.72
N LEU A 119 -13.88 -1.13 17.60
CA LEU A 119 -14.57 -2.40 17.64
C LEU A 119 -13.65 -3.46 18.25
N GLY A 120 -12.43 -3.58 17.70
CA GLY A 120 -11.47 -4.60 18.12
C GLY A 120 -11.22 -4.63 19.64
N GLY A 121 -11.09 -3.45 20.24
CA GLY A 121 -10.88 -3.33 21.68
C GLY A 121 -12.14 -3.66 22.48
N GLU A 122 -13.30 -3.19 21.99
CA GLU A 122 -14.57 -3.30 22.68
C GLU A 122 -15.14 -4.72 22.57
N ILE A 123 -15.01 -5.32 21.38
CA ILE A 123 -15.44 -6.69 21.17
C ILE A 123 -14.49 -7.64 21.89
N ALA A 124 -13.22 -7.22 22.09
CA ALA A 124 -12.26 -7.94 22.92
C ALA A 124 -12.59 -7.76 24.40
N LEU A 125 -13.03 -6.55 24.79
CA LEU A 125 -13.39 -6.23 26.16
C LEU A 125 -14.66 -6.99 26.58
N TRP A 126 -15.74 -6.77 25.82
CA TRP A 126 -17.07 -7.30 26.15
C TRP A 126 -17.11 -8.82 26.02
N SER A 127 -16.14 -9.39 25.27
CA SER A 127 -15.94 -10.82 25.20
C SER A 127 -15.32 -11.35 26.50
N LEU A 128 -14.41 -10.56 27.10
CA LEU A 128 -13.83 -10.93 28.39
C LEU A 128 -14.84 -10.71 29.52
N VAL A 129 -15.88 -9.88 29.30
CA VAL A 129 -16.99 -9.74 30.23
C VAL A 129 -17.84 -11.03 30.20
N VAL A 130 -17.97 -11.62 29.01
CA VAL A 130 -18.73 -12.85 28.80
C VAL A 130 -17.95 -14.04 29.39
N LEU A 131 -16.64 -14.11 29.12
CA LEU A 131 -15.78 -15.17 29.65
C LEU A 131 -15.72 -15.11 31.18
N ALA A 132 -15.82 -13.90 31.76
CA ALA A 132 -15.84 -13.69 33.19
C ALA A 132 -17.12 -14.26 33.82
N ILE A 133 -18.26 -13.98 33.17
CA ILE A 133 -19.58 -14.41 33.61
C ILE A 133 -19.71 -15.93 33.52
N GLU A 134 -19.11 -16.52 32.47
CA GLU A 134 -19.45 -17.88 32.09
C GLU A 134 -18.83 -18.90 33.03
N ARG A 135 -17.55 -18.73 33.43
CA ARG A 135 -16.89 -19.67 34.33
C ARG A 135 -17.39 -19.49 35.76
N TYR A 136 -17.80 -18.26 36.10
CA TYR A 136 -18.34 -18.03 37.43
C TYR A 136 -19.56 -18.92 37.58
N VAL A 137 -20.33 -19.10 36.48
CA VAL A 137 -21.57 -19.86 36.56
C VAL A 137 -21.29 -21.37 36.56
N VAL A 138 -20.10 -21.78 36.09
CA VAL A 138 -19.74 -23.18 36.04
C VAL A 138 -18.87 -23.57 37.26
N VAL A 139 -17.87 -22.74 37.59
CA VAL A 139 -16.89 -23.08 38.62
C VAL A 139 -17.53 -22.97 40.01
N CYS A 140 -18.03 -21.78 40.35
CA CYS A 140 -18.70 -21.53 41.63
C CYS A 140 -20.07 -22.19 41.68
N LYS A 141 -20.68 -22.46 40.50
CA LYS A 141 -21.87 -23.28 40.38
C LYS A 141 -23.07 -22.59 41.06
N PRO A 142 -23.33 -21.28 40.78
CA PRO A 142 -24.49 -20.58 41.36
C PRO A 142 -25.84 -20.99 40.79
N MET A 143 -25.93 -21.17 39.46
CA MET A 143 -27.07 -21.80 38.82
C MET A 143 -26.67 -23.19 38.35
N SER A 144 -27.40 -24.19 38.84
CA SER A 144 -27.20 -25.61 38.56
C SER A 144 -27.73 -25.93 37.15
N ASN A 145 -27.04 -26.85 36.45
CA ASN A 145 -27.21 -27.16 35.03
C ASN A 145 -27.52 -25.92 34.19
N PHE A 146 -26.49 -25.08 33.95
CA PHE A 146 -26.61 -23.86 33.17
C PHE A 146 -25.22 -23.34 32.77
N ARG A 147 -24.90 -23.44 31.47
CA ARG A 147 -23.54 -23.33 30.94
C ARG A 147 -23.22 -21.88 30.56
N ASN A 151 -26.70 -22.56 22.99
CA ASN A 151 -27.36 -21.35 22.43
C ASN A 151 -27.24 -20.15 23.38
N HIS A 152 -26.96 -20.45 24.66
CA HIS A 152 -26.53 -19.47 25.67
C HIS A 152 -25.36 -18.63 25.12
N ALA A 153 -24.38 -19.30 24.51
CA ALA A 153 -23.12 -18.70 24.08
C ALA A 153 -23.32 -17.75 22.90
N ILE A 154 -24.14 -18.16 21.92
CA ILE A 154 -24.42 -17.38 20.72
C ILE A 154 -25.14 -16.08 21.08
N MET A 155 -25.96 -16.11 22.13
CA MET A 155 -26.69 -14.92 22.57
C MET A 155 -25.73 -13.92 23.21
N GLY A 156 -24.78 -14.45 23.99
CA GLY A 156 -23.82 -13.64 24.74
C GLY A 156 -22.63 -13.17 23.90
N VAL A 157 -22.45 -13.74 22.70
CA VAL A 157 -21.45 -13.27 21.76
C VAL A 157 -22.06 -12.17 20.88
N ALA A 158 -23.39 -12.21 20.69
CA ALA A 158 -24.14 -11.15 20.02
C ALA A 158 -24.16 -9.90 20.90
N PHE A 159 -24.09 -10.10 22.22
CA PHE A 159 -23.98 -9.03 23.20
C PHE A 159 -22.73 -8.17 22.96
N THR A 160 -21.60 -8.80 22.61
CA THR A 160 -20.31 -8.12 22.50
C THR A 160 -20.34 -7.10 21.37
N TRP A 161 -20.97 -7.48 20.25
CA TRP A 161 -21.14 -6.61 19.10
C TRP A 161 -22.15 -5.48 19.39
N VAL A 162 -23.17 -5.78 20.19
CA VAL A 162 -24.19 -4.81 20.55
C VAL A 162 -23.55 -3.65 21.31
N MET A 163 -22.64 -4.00 22.23
CA MET A 163 -22.03 -3.04 23.16
C MET A 163 -20.84 -2.34 22.50
N ALA A 164 -20.07 -3.07 21.69
CA ALA A 164 -18.94 -2.50 20.98
C ALA A 164 -19.38 -1.39 20.05
N LEU A 165 -20.56 -1.58 19.43
CA LEU A 165 -21.14 -0.63 18.49
C LEU A 165 -21.80 0.54 19.22
N ALA A 166 -22.18 0.31 20.48
CA ALA A 166 -22.56 1.41 21.35
C ALA A 166 -21.38 2.35 21.56
N CYS A 167 -20.15 1.81 21.46
CA CYS A 167 -18.95 2.59 21.69
C CYS A 167 -18.40 3.17 20.39
N ALA A 168 -18.37 2.36 19.32
CA ALA A 168 -17.63 2.68 18.11
C ALA A 168 -18.46 3.54 17.15
N ALA A 169 -19.80 3.40 17.19
CA ALA A 169 -20.68 4.06 16.24
C ALA A 169 -20.78 5.55 16.49
N PRO A 170 -20.98 6.02 17.75
CA PRO A 170 -21.28 7.43 18.02
C PRO A 170 -20.30 8.48 17.47
N PRO A 171 -18.97 8.25 17.47
CA PRO A 171 -18.05 9.11 16.73
C PRO A 171 -18.51 9.38 15.30
N LEU A 172 -19.06 8.34 14.66
CA LEU A 172 -19.51 8.39 13.29
C LEU A 172 -20.91 9.02 13.22
N VAL A 173 -21.65 8.95 14.35
CA VAL A 173 -22.90 9.69 14.53
C VAL A 173 -22.61 11.18 14.48
N GLY A 174 -21.48 11.59 15.08
CA GLY A 174 -21.17 13.01 15.24
C GLY A 174 -21.16 13.43 16.70
N TRP A 175 -21.42 12.47 17.60
CA TRP A 175 -21.11 12.64 19.01
C TRP A 175 -19.74 12.06 19.31
N SER A 176 -18.80 12.95 19.67
CA SER A 176 -17.37 12.65 19.60
C SER A 176 -16.95 12.61 18.13
N ARG A 177 -15.72 12.16 17.89
CA ARG A 177 -15.23 11.97 16.53
C ARG A 177 -13.92 11.20 16.58
N TYR A 178 -13.56 10.58 15.46
CA TYR A 178 -12.23 10.00 15.33
C TYR A 178 -11.31 11.10 14.81
N ILE A 179 -10.09 11.16 15.37
CA ILE A 179 -9.14 12.22 15.09
C ILE A 179 -7.72 11.67 15.11
N PRO A 180 -6.84 12.08 14.18
CA PRO A 180 -5.47 11.54 14.12
C PRO A 180 -4.69 11.79 15.40
N GLU A 181 -4.03 10.73 15.88
CA GLU A 181 -3.38 10.72 17.18
C GLU A 181 -1.87 10.62 17.01
N GLY A 182 -1.13 11.43 17.78
CA GLY A 182 0.31 11.28 17.87
C GLY A 182 1.01 11.64 16.56
N MET A 183 1.49 10.64 15.83
CA MET A 183 2.24 10.86 14.61
C MET A 183 1.28 11.15 13.44
N GLN A 184 -0.02 11.12 13.72
CA GLN A 184 -1.08 11.36 12.74
C GLN A 184 -1.13 10.17 11.77
N CYS A 185 -1.07 8.96 12.35
CA CYS A 185 -1.15 7.72 11.60
C CYS A 185 -2.29 6.86 12.12
N SER A 186 -2.42 6.73 13.44
CA SER A 186 -3.58 6.11 14.06
C SER A 186 -4.70 7.14 14.18
N CYS A 187 -5.90 6.68 14.50
CA CYS A 187 -7.02 7.55 14.83
C CYS A 187 -7.74 7.02 16.05
N GLY A 188 -8.43 7.93 16.75
CA GLY A 188 -9.07 7.59 18.00
C GLY A 188 -9.97 8.73 18.49
N ILE A 189 -10.62 8.49 19.63
CA ILE A 189 -11.58 9.44 20.17
C ILE A 189 -10.87 10.74 20.51
N ASP A 190 -11.60 11.85 20.37
CA ASP A 190 -11.02 13.16 20.58
C ASP A 190 -10.90 13.42 22.08
N TYR A 191 -9.68 13.20 22.59
CA TYR A 191 -9.31 13.47 23.97
C TYR A 191 -8.71 14.87 24.08
N TYR A 192 -8.43 15.48 22.92
CA TYR A 192 -7.52 16.61 22.84
C TYR A 192 -8.33 17.89 22.93
N THR A 193 -9.18 18.11 21.91
CA THR A 193 -9.96 19.32 21.84
C THR A 193 -11.23 19.12 22.65
N PRO A 194 -11.79 20.18 23.29
CA PRO A 194 -13.11 20.08 23.92
C PRO A 194 -14.19 19.88 22.86
N HIS A 195 -14.04 20.61 21.74
CA HIS A 195 -14.93 20.46 20.60
C HIS A 195 -16.36 20.30 21.09
N GLU A 196 -16.88 21.35 21.75
CA GLU A 196 -18.19 21.26 22.37
C GLU A 196 -19.27 21.15 21.29
N GLU A 197 -18.99 21.68 20.08
CA GLU A 197 -19.83 21.46 18.90
C GLU A 197 -20.10 19.95 18.74
N THR A 198 -19.03 19.17 18.88
CA THR A 198 -19.07 17.72 18.79
C THR A 198 -19.48 17.07 20.12
N ASN A 199 -19.25 17.80 21.21
CA ASN A 199 -19.64 17.39 22.56
C ASN A 199 -18.78 16.22 23.02
N ASN A 200 -17.55 16.11 22.47
CA ASN A 200 -16.75 14.90 22.61
C ASN A 200 -16.20 14.78 24.03
N GLU A 201 -16.23 15.89 24.78
CA GLU A 201 -15.90 15.92 26.20
C GLU A 201 -16.74 14.87 26.94
N SER A 202 -18.06 14.90 26.69
CA SER A 202 -19.03 14.06 27.37
C SER A 202 -18.87 12.58 27.00
N PHE A 203 -18.48 12.32 25.74
CA PHE A 203 -18.34 10.97 25.23
C PHE A 203 -17.22 10.23 25.95
N VAL A 204 -16.10 10.94 26.19
CA VAL A 204 -14.92 10.36 26.79
C VAL A 204 -15.28 9.81 28.18
N ILE A 205 -16.14 10.55 28.89
CA ILE A 205 -16.71 10.10 30.15
C ILE A 205 -17.51 8.82 29.89
N TYR A 206 -18.49 8.92 29.00
CA TYR A 206 -19.38 7.82 28.65
C TYR A 206 -18.58 6.56 28.33
N MET A 207 -17.47 6.72 27.60
CA MET A 207 -16.67 5.59 27.15
C MET A 207 -15.89 4.99 28.32
N PHE A 208 -15.19 5.83 29.10
CA PHE A 208 -14.41 5.35 30.25
C PHE A 208 -15.33 4.83 31.35
N VAL A 209 -16.62 5.22 31.32
CA VAL A 209 -17.65 4.77 32.25
C VAL A 209 -18.24 3.45 31.78
N VAL A 210 -18.96 3.50 30.65
CA VAL A 210 -19.80 2.39 30.20
C VAL A 210 -18.96 1.32 29.51
N HIS A 211 -17.85 1.73 28.91
CA HIS A 211 -17.08 0.86 28.02
C HIS A 211 -15.67 0.62 28.55
N PHE A 212 -15.49 0.73 29.87
CA PHE A 212 -14.21 0.44 30.51
C PHE A 212 -14.45 0.03 31.97
N ILE A 213 -15.09 0.93 32.72
CA ILE A 213 -15.26 0.74 34.15
C ILE A 213 -16.28 -0.36 34.41
N ILE A 214 -17.44 -0.29 33.74
CA ILE A 214 -18.52 -1.27 33.92
C ILE A 214 -18.03 -2.68 33.56
N PRO A 215 -17.38 -2.89 32.40
CA PRO A 215 -16.70 -4.16 32.10
C PRO A 215 -15.71 -4.67 33.15
N LEU A 216 -14.80 -3.80 33.64
CA LEU A 216 -13.73 -4.20 34.54
C LEU A 216 -14.26 -4.54 35.94
N ILE A 217 -15.37 -3.88 36.32
CA ILE A 217 -16.21 -4.26 37.46
C ILE A 217 -16.61 -5.72 37.35
N VAL A 218 -17.39 -6.03 36.31
CA VAL A 218 -18.01 -7.34 36.13
C VAL A 218 -16.93 -8.42 35.99
N ILE A 219 -15.78 -8.05 35.40
CA ILE A 219 -14.65 -8.96 35.27
C ILE A 219 -14.15 -9.36 36.66
N PHE A 220 -13.78 -8.36 37.47
CA PHE A 220 -13.14 -8.63 38.75
C PHE A 220 -14.19 -8.97 39.81
N PHE A 221 -15.46 -8.63 39.54
CA PHE A 221 -16.58 -9.10 40.33
C PHE A 221 -16.65 -10.62 40.28
N CYS A 222 -16.50 -11.18 39.07
CA CYS A 222 -16.56 -12.61 38.82
C CYS A 222 -15.24 -13.28 39.21
N TYR A 223 -14.14 -12.54 39.03
CA TYR A 223 -12.80 -13.00 39.37
C TYR A 223 -12.61 -13.05 40.88
N GLY A 224 -13.31 -12.17 41.60
CA GLY A 224 -13.28 -12.11 43.04
C GLY A 224 -14.11 -13.21 43.71
N GLN A 225 -15.04 -13.80 42.93
CA GLN A 225 -15.81 -14.95 43.39
C GLN A 225 -14.88 -16.15 43.55
N LEU A 226 -13.89 -16.24 42.65
CA LEU A 226 -12.86 -17.28 42.70
C LEU A 226 -11.60 -16.72 43.37
N VAL A 227 -11.76 -16.28 44.64
CA VAL A 227 -10.66 -16.03 45.58
C VAL A 227 -10.65 -17.14 46.63
N PHE A 228 -11.85 -17.56 47.07
CA PHE A 228 -12.03 -18.74 47.91
C PHE A 228 -11.89 -20.02 47.09
N THR A 229 -12.15 -19.97 45.76
CA THR A 229 -12.02 -21.13 44.88
C THR A 229 -10.56 -21.33 44.47
N VAL A 230 -9.92 -20.35 43.79
CA VAL A 230 -8.53 -20.47 43.35
C VAL A 230 -7.80 -19.14 43.59
N ALA A 241 -12.35 -35.56 37.63
CA ALA A 241 -10.98 -34.98 37.61
C ALA A 241 -10.72 -34.25 36.28
N THR A 242 -11.01 -34.96 35.16
CA THR A 242 -10.67 -34.50 33.81
C THR A 242 -11.61 -33.39 33.32
N THR A 243 -12.88 -33.39 33.76
CA THR A 243 -13.79 -32.25 33.59
C THR A 243 -13.13 -30.95 34.06
N GLN A 244 -12.42 -31.05 35.18
CA GLN A 244 -11.82 -29.91 35.86
C GLN A 244 -10.41 -29.59 35.32
N LYS A 245 -9.76 -30.56 34.65
CA LYS A 245 -8.57 -30.29 33.85
C LYS A 245 -8.91 -29.43 32.64
N ALA A 246 -10.00 -29.82 31.94
CA ALA A 246 -10.57 -29.04 30.84
C ALA A 246 -11.05 -27.68 31.35
N GLU A 247 -11.67 -27.68 32.54
CA GLU A 247 -12.09 -26.47 33.22
C GLU A 247 -10.89 -25.57 33.50
N LYS A 248 -9.86 -26.16 34.12
CA LYS A 248 -8.73 -25.46 34.71
C LYS A 248 -7.95 -24.70 33.63
N GLU A 249 -7.57 -25.42 32.57
CA GLU A 249 -6.75 -24.87 31.50
C GLU A 249 -7.53 -23.79 30.74
N VAL A 250 -8.85 -23.97 30.60
CA VAL A 250 -9.70 -23.04 29.86
C VAL A 250 -10.12 -21.86 30.75
N THR A 251 -10.26 -22.09 32.07
CA THR A 251 -10.48 -21.01 33.02
C THR A 251 -9.16 -20.26 33.30
N ARG A 252 -8.03 -20.96 33.14
CA ARG A 252 -6.71 -20.35 33.17
C ARG A 252 -6.48 -19.48 31.94
N MET A 253 -7.02 -19.91 30.79
CA MET A 253 -6.86 -19.19 29.54
C MET A 253 -7.67 -17.90 29.57
N VAL A 254 -8.83 -17.92 30.25
CA VAL A 254 -9.65 -16.74 30.47
C VAL A 254 -8.83 -15.68 31.22
N ILE A 255 -8.00 -16.15 32.18
CA ILE A 255 -7.10 -15.31 32.95
C ILE A 255 -6.02 -14.73 32.03
N ILE A 256 -5.34 -15.60 31.28
CA ILE A 256 -4.27 -15.17 30.39
C ILE A 256 -4.82 -14.27 29.30
N MET A 257 -6.08 -14.48 28.89
CA MET A 257 -6.71 -13.65 27.87
C MET A 257 -6.93 -12.23 28.39
N VAL A 258 -7.26 -12.10 29.68
CA VAL A 258 -7.45 -10.78 30.28
C VAL A 258 -6.08 -10.17 30.59
N ILE A 259 -5.16 -10.96 31.16
CA ILE A 259 -3.79 -10.53 31.42
C ILE A 259 -3.23 -9.82 30.18
N ALA A 260 -3.40 -10.46 29.00
CA ALA A 260 -2.95 -9.91 27.74
C ALA A 260 -3.70 -8.61 27.41
N PHE A 261 -5.02 -8.61 27.64
CA PHE A 261 -5.87 -7.47 27.32
C PHE A 261 -5.48 -6.26 28.17
N LEU A 262 -5.10 -6.50 29.42
CA LEU A 262 -4.68 -5.42 30.30
C LEU A 262 -3.30 -4.92 29.88
N ILE A 263 -2.36 -5.84 29.64
CA ILE A 263 -1.05 -5.49 29.08
C ILE A 263 -1.22 -4.54 27.89
N CYS A 264 -2.18 -4.88 27.02
CA CYS A 264 -2.33 -4.28 25.70
C CYS A 264 -2.91 -2.88 25.79
N TRP A 265 -4.05 -2.76 26.49
CA TRP A 265 -4.95 -1.63 26.36
C TRP A 265 -4.72 -0.59 27.45
N LEU A 266 -4.11 -0.99 28.58
CA LEU A 266 -3.80 -0.08 29.68
C LEU A 266 -3.00 1.12 29.19
N PRO A 267 -1.81 0.93 28.57
CA PRO A 267 -0.94 2.05 28.21
C PRO A 267 -1.66 3.14 27.43
N TYR A 268 -2.34 2.76 26.34
CA TYR A 268 -3.08 3.68 25.50
C TYR A 268 -4.21 4.33 26.30
N ALA A 269 -4.92 3.53 27.12
CA ALA A 269 -6.03 4.01 27.93
C ALA A 269 -5.54 5.05 28.93
N GLY A 270 -4.34 4.81 29.47
CA GLY A 270 -3.70 5.71 30.40
C GLY A 270 -3.38 7.06 29.76
N VAL A 271 -2.67 7.01 28.63
CA VAL A 271 -2.25 8.20 27.91
C VAL A 271 -3.48 8.96 27.40
N ALA A 272 -4.51 8.22 26.97
CA ALA A 272 -5.75 8.80 26.48
C ALA A 272 -6.41 9.65 27.56
N PHE A 273 -6.39 9.14 28.79
CA PHE A 273 -6.93 9.85 29.93
C PHE A 273 -6.02 11.01 30.32
N TYR A 274 -4.70 10.78 30.28
CA TYR A 274 -3.70 11.77 30.64
C TYR A 274 -3.86 13.03 29.79
N ILE A 275 -4.13 12.85 28.48
CA ILE A 275 -4.36 13.95 27.56
C ILE A 275 -5.72 14.60 27.84
N PHE A 276 -6.72 13.77 28.17
CA PHE A 276 -8.06 14.25 28.49
C PHE A 276 -8.01 15.16 29.73
N THR A 277 -7.17 14.78 30.69
CA THR A 277 -6.96 15.56 31.90
C THR A 277 -6.19 16.85 31.58
N HIS A 278 -5.05 16.68 30.89
CA HIS A 278 -4.12 17.77 30.63
C HIS A 278 -4.29 18.28 29.20
N GLN A 279 -5.53 18.65 28.83
CA GLN A 279 -5.82 19.15 27.50
C GLN A 279 -5.10 20.48 27.29
N GLY A 280 -4.37 20.59 26.18
CA GLY A 280 -3.69 21.82 25.80
C GLY A 280 -2.27 21.90 26.36
N SER A 281 -1.82 20.81 27.00
CA SER A 281 -0.51 20.76 27.65
C SER A 281 0.56 20.43 26.62
N ASP A 282 1.82 20.36 27.08
CA ASP A 282 2.96 20.12 26.21
C ASP A 282 3.29 18.63 26.21
N PHE A 283 2.95 17.95 25.11
CA PHE A 283 3.29 16.55 24.91
C PHE A 283 3.57 16.29 23.44
N GLY A 284 4.56 15.42 23.19
CA GLY A 284 5.07 15.17 21.84
C GLY A 284 4.18 14.24 21.02
N PRO A 285 4.50 14.03 19.73
CA PRO A 285 3.69 13.17 18.87
C PRO A 285 3.86 11.69 19.23
N ILE A 286 5.01 11.35 19.80
CA ILE A 286 5.35 9.96 20.00
C ILE A 286 4.73 9.49 21.32
N PHE A 287 4.40 10.45 22.19
CA PHE A 287 3.76 10.20 23.47
C PHE A 287 2.59 9.23 23.32
N MET A 288 1.68 9.54 22.37
CA MET A 288 0.41 8.82 22.24
C MET A 288 0.53 7.66 21.25
N THR A 289 1.33 7.86 20.18
CA THR A 289 1.33 6.97 19.03
C THR A 289 1.92 5.60 19.43
N ILE A 290 2.87 5.59 20.36
CA ILE A 290 3.54 4.36 20.76
C ILE A 290 2.56 3.39 21.42
N PRO A 291 1.86 3.78 22.51
CA PRO A 291 0.87 2.90 23.14
C PRO A 291 -0.35 2.58 22.28
N ALA A 292 -0.66 3.49 21.35
CA ALA A 292 -1.74 3.31 20.39
C ALA A 292 -1.42 2.16 19.43
N PHE A 293 -0.22 2.20 18.81
CA PHE A 293 0.20 1.14 17.89
C PHE A 293 0.47 -0.16 18.64
N PHE A 294 0.92 -0.05 19.89
CA PHE A 294 1.11 -1.22 20.72
C PHE A 294 -0.22 -1.95 20.94
N ALA A 295 -1.31 -1.18 21.10
CA ALA A 295 -2.61 -1.76 21.43
C ALA A 295 -3.27 -2.38 20.20
N LYS A 296 -2.61 -2.28 19.03
CA LYS A 296 -3.08 -2.87 17.79
C LYS A 296 -2.56 -4.31 17.66
N THR A 297 -1.92 -4.82 18.71
CA THR A 297 -1.56 -6.24 18.76
C THR A 297 -2.74 -7.07 19.24
N SER A 298 -3.86 -6.41 19.59
CA SER A 298 -5.07 -7.09 20.04
C SER A 298 -5.60 -8.03 18.96
N ALA A 299 -5.34 -7.67 17.70
CA ALA A 299 -5.75 -8.49 16.56
C ALA A 299 -5.04 -9.84 16.56
N VAL A 300 -3.79 -9.91 17.02
CA VAL A 300 -2.96 -11.08 16.78
C VAL A 300 -2.81 -11.96 18.03
N TYR A 301 -2.77 -11.34 19.22
CA TYR A 301 -2.39 -12.08 20.42
C TYR A 301 -3.53 -13.02 20.86
N ASN A 302 -4.79 -12.64 20.62
CA ASN A 302 -5.94 -13.38 21.12
C ASN A 302 -5.94 -14.83 20.62
N PRO A 303 -5.90 -15.10 19.29
CA PRO A 303 -5.84 -16.48 18.78
C PRO A 303 -4.57 -17.26 19.14
N VAL A 304 -3.44 -16.55 19.29
CA VAL A 304 -2.18 -17.17 19.67
C VAL A 304 -2.30 -17.84 21.04
N ILE A 305 -3.09 -17.25 21.93
CA ILE A 305 -3.43 -17.86 23.21
C ILE A 305 -4.29 -19.09 22.97
N TYR A 306 -5.32 -18.95 22.12
CA TYR A 306 -6.31 -19.98 21.86
C TYR A 306 -5.67 -21.23 21.25
N ILE A 307 -4.54 -21.08 20.53
CA ILE A 307 -3.77 -22.21 20.07
C ILE A 307 -2.85 -22.69 21.19
N MET A 308 -2.07 -21.76 21.74
CA MET A 308 -1.00 -22.04 22.69
C MET A 308 -1.57 -22.78 23.90
N MET A 309 -2.65 -22.26 24.50
CA MET A 309 -3.17 -22.77 25.75
C MET A 309 -4.18 -23.89 25.51
N ASN A 310 -5.21 -23.61 24.69
CA ASN A 310 -6.27 -24.58 24.42
C ASN A 310 -5.70 -25.71 23.56
N LYS A 311 -5.57 -26.89 24.17
CA LYS A 311 -5.00 -28.06 23.53
C LYS A 311 -6.02 -28.68 22.57
N GLN A 312 -7.31 -28.64 22.92
CA GLN A 312 -8.37 -29.25 22.13
C GLN A 312 -8.40 -28.63 20.73
N PHE A 313 -8.20 -27.31 20.68
CA PHE A 313 -8.10 -26.60 19.41
C PHE A 313 -6.86 -27.04 18.65
N ARG A 314 -5.68 -26.96 19.30
CA ARG A 314 -4.37 -27.19 18.69
C ARG A 314 -4.35 -28.48 17.87
N ASN A 315 -4.92 -29.56 18.44
CA ASN A 315 -5.04 -30.85 17.78
C ASN A 315 -5.73 -30.71 16.42
N CYS A 316 -6.89 -30.03 16.44
CA CYS A 316 -7.80 -29.99 15.32
C CYS A 316 -7.36 -28.95 14.29
N MET A 317 -6.53 -27.98 14.73
CA MET A 317 -5.91 -27.03 13.81
C MET A 317 -4.95 -27.79 12.89
N VAL A 318 -4.17 -28.71 13.47
CA VAL A 318 -3.19 -29.46 12.71
C VAL A 318 -3.92 -30.42 11.77
N THR A 319 -5.13 -30.86 12.17
CA THR A 319 -6.00 -31.69 11.35
C THR A 319 -6.34 -30.99 10.04
N THR A 320 -6.73 -29.72 10.16
CA THR A 320 -7.13 -28.89 9.03
C THR A 320 -5.89 -28.60 8.16
N LEU A 321 -4.80 -28.17 8.81
CA LEU A 321 -3.51 -27.94 8.16
C LEU A 321 -3.08 -29.21 7.44
N CYS A 322 -2.71 -30.23 8.24
CA CYS A 322 -2.19 -31.47 7.72
C CYS A 322 -3.38 -32.38 7.41
N CYS A 323 -3.89 -32.25 6.17
CA CYS A 323 -5.25 -32.62 5.80
C CYS A 323 -5.49 -34.10 6.09
N MET B 1 -1.42 2.13 -35.99
CA MET B 1 -1.57 2.62 -34.59
C MET B 1 -2.43 1.64 -33.78
N ASN B 2 -1.90 0.41 -33.64
CA ASN B 2 -2.51 -0.62 -32.80
C ASN B 2 -2.15 -0.37 -31.34
N GLY B 3 -0.84 -0.39 -31.07
CA GLY B 3 -0.31 -0.08 -29.74
C GLY B 3 0.39 1.28 -29.71
N THR B 4 0.65 1.76 -28.50
CA THR B 4 1.23 3.08 -28.30
C THR B 4 2.58 2.93 -27.59
N GLU B 5 3.66 3.25 -28.33
CA GLU B 5 5.02 3.13 -27.83
C GLU B 5 5.44 4.48 -27.26
N GLY B 6 6.15 4.44 -26.13
CA GLY B 6 6.73 5.62 -25.52
C GLY B 6 8.18 5.38 -25.14
N PRO B 7 8.87 6.38 -24.56
CA PRO B 7 10.27 6.21 -24.14
C PRO B 7 10.51 5.02 -23.21
N ASN B 8 9.66 4.90 -22.19
CA ASN B 8 9.82 3.93 -21.11
C ASN B 8 8.99 2.68 -21.38
N PHE B 9 7.88 2.84 -22.12
CA PHE B 9 6.74 1.95 -22.03
C PHE B 9 6.17 1.62 -23.40
N TYR B 10 5.25 0.66 -23.40
CA TYR B 10 4.43 0.36 -24.56
C TYR B 10 3.05 -0.09 -24.09
N VAL B 11 2.04 0.71 -24.45
CA VAL B 11 0.66 0.47 -24.07
C VAL B 11 -0.03 -0.29 -25.19
N PRO B 12 -0.57 -1.51 -24.94
CA PRO B 12 -1.25 -2.30 -25.97
C PRO B 12 -2.67 -1.78 -26.20
N PHE B 13 -2.74 -0.57 -26.78
CA PHE B 13 -4.00 0.13 -26.99
C PHE B 13 -3.75 1.34 -27.88
N SER B 14 -4.65 1.56 -28.86
CA SER B 14 -4.47 2.60 -29.85
C SER B 14 -4.68 3.98 -29.22
N ASN B 15 -3.75 4.90 -29.52
CA ASN B 15 -3.89 6.30 -29.14
C ASN B 15 -4.43 7.08 -30.34
N LYS B 16 -5.30 6.41 -31.11
CA LYS B 16 -6.11 7.08 -32.12
C LYS B 16 -7.12 7.95 -31.38
N THR B 17 -7.65 7.39 -30.29
CA THR B 17 -8.68 8.02 -29.48
C THR B 17 -8.11 9.28 -28.82
N GLY B 18 -6.83 9.26 -28.42
CA GLY B 18 -6.20 10.40 -27.75
C GLY B 18 -6.04 10.18 -26.25
N VAL B 19 -6.60 9.06 -25.76
CA VAL B 19 -6.78 8.80 -24.34
C VAL B 19 -5.48 8.29 -23.72
N VAL B 20 -4.66 7.62 -24.53
CA VAL B 20 -3.52 6.88 -24.04
C VAL B 20 -2.58 7.84 -23.32
N ARG B 21 -2.10 7.39 -22.16
CA ARG B 21 -1.17 8.12 -21.31
C ARG B 21 -0.12 7.13 -20.80
N SER B 22 1.02 7.65 -20.33
CA SER B 22 2.12 6.82 -19.86
C SER B 22 1.69 6.09 -18.58
N PRO B 23 2.02 4.79 -18.42
CA PRO B 23 1.80 4.10 -17.15
C PRO B 23 2.85 4.42 -16.09
N PHE B 24 3.70 5.41 -16.36
CA PHE B 24 4.57 5.98 -15.35
C PHE B 24 4.11 7.38 -15.00
N GLU B 25 2.81 7.65 -15.12
CA GLU B 25 2.31 9.01 -14.94
C GLU B 25 0.86 8.97 -14.45
N ALA B 26 -0.01 8.31 -15.22
CA ALA B 26 -1.44 8.29 -14.92
C ALA B 26 -1.92 6.85 -14.85
N PRO B 27 -3.07 6.60 -14.16
CA PRO B 27 -3.66 5.26 -14.13
C PRO B 27 -4.23 4.85 -15.49
N GLN B 28 -4.25 3.53 -15.73
CA GLN B 28 -4.53 3.01 -17.06
C GLN B 28 -5.93 2.37 -17.05
N TYR B 29 -6.95 3.16 -16.68
CA TYR B 29 -8.30 2.64 -16.53
C TYR B 29 -9.03 2.61 -17.87
N TYR B 30 -8.45 3.24 -18.90
CA TYR B 30 -8.98 3.14 -20.25
C TYR B 30 -8.64 1.76 -20.84
N LEU B 31 -7.64 1.07 -20.28
CA LEU B 31 -7.20 -0.23 -20.79
C LEU B 31 -8.22 -1.31 -20.44
N ALA B 32 -8.55 -1.41 -19.15
CA ALA B 32 -9.49 -2.38 -18.64
C ALA B 32 -10.40 -1.71 -17.63
N GLU B 33 -11.36 -2.48 -17.08
CA GLU B 33 -12.34 -1.94 -16.16
C GLU B 33 -11.66 -1.69 -14.83
N PRO B 34 -11.98 -0.61 -14.09
CA PRO B 34 -11.23 -0.23 -12.89
C PRO B 34 -11.27 -1.27 -11.77
N TRP B 35 -12.33 -2.09 -11.77
CA TRP B 35 -12.50 -3.15 -10.79
C TRP B 35 -11.56 -4.34 -11.07
N GLN B 36 -11.14 -4.49 -12.33
CA GLN B 36 -10.21 -5.55 -12.69
C GLN B 36 -8.82 -5.25 -12.12
N PHE B 37 -8.49 -3.95 -11.99
CA PHE B 37 -7.26 -3.53 -11.34
C PHE B 37 -7.33 -3.85 -9.84
N SER B 38 -8.54 -3.72 -9.27
CA SER B 38 -8.79 -4.11 -7.90
C SER B 38 -8.73 -5.64 -7.78
N MET B 39 -9.21 -6.35 -8.79
CA MET B 39 -9.15 -7.80 -8.79
C MET B 39 -7.68 -8.26 -8.81
N LEU B 40 -6.82 -7.51 -9.52
CA LEU B 40 -5.40 -7.82 -9.55
C LEU B 40 -4.81 -7.69 -8.15
N ALA B 41 -5.05 -6.55 -7.50
CA ALA B 41 -4.59 -6.33 -6.15
C ALA B 41 -5.13 -7.40 -5.20
N ALA B 42 -6.38 -7.85 -5.43
CA ALA B 42 -6.99 -8.90 -4.62
C ALA B 42 -6.23 -10.22 -4.78
N TYR B 43 -6.05 -10.64 -6.03
CA TYR B 43 -5.24 -11.80 -6.39
C TYR B 43 -3.83 -11.68 -5.84
N MET B 44 -3.23 -10.50 -6.05
CA MET B 44 -1.82 -10.26 -5.79
C MET B 44 -1.56 -10.15 -4.29
N PHE B 45 -2.59 -9.73 -3.54
CA PHE B 45 -2.54 -9.73 -2.09
C PHE B 45 -2.33 -11.15 -1.58
N LEU B 46 -3.13 -12.09 -2.12
CA LEU B 46 -3.20 -13.44 -1.60
C LEU B 46 -1.94 -14.24 -1.92
N LEU B 47 -1.23 -13.84 -2.99
CA LEU B 47 0.09 -14.37 -3.29
C LEU B 47 1.08 -13.95 -2.21
N ILE B 48 1.02 -12.68 -1.76
CA ILE B 48 1.89 -12.19 -0.71
C ILE B 48 1.42 -12.76 0.63
N MET B 49 0.11 -12.99 0.75
CA MET B 49 -0.49 -13.39 2.01
C MET B 49 -0.08 -14.84 2.32
N LEU B 50 -0.22 -15.75 1.35
CA LEU B 50 0.18 -17.14 1.54
C LEU B 50 1.58 -17.37 0.98
N GLY B 51 2.24 -16.30 0.52
CA GLY B 51 3.62 -16.36 0.08
C GLY B 51 4.59 -16.41 1.25
N PHE B 52 4.55 -15.38 2.10
CA PHE B 52 5.45 -15.25 3.23
C PHE B 52 5.35 -16.46 4.18
N PRO B 53 4.16 -16.82 4.72
CA PRO B 53 4.06 -17.85 5.75
C PRO B 53 4.55 -19.24 5.34
N ILE B 54 4.17 -19.64 4.13
CA ILE B 54 4.48 -20.95 3.59
C ILE B 54 5.99 -21.02 3.32
N ASN B 55 6.56 -19.93 2.80
CA ASN B 55 7.98 -19.87 2.48
C ASN B 55 8.83 -19.70 3.74
N PHE B 56 8.34 -18.89 4.69
CA PHE B 56 9.11 -18.58 5.89
C PHE B 56 9.18 -19.78 6.83
N LEU B 57 8.05 -20.49 7.00
CA LEU B 57 8.05 -21.73 7.75
C LEU B 57 8.98 -22.75 7.09
N THR B 58 8.89 -22.86 5.76
CA THR B 58 9.70 -23.79 4.99
C THR B 58 11.19 -23.41 5.07
N LEU B 59 11.48 -22.11 5.17
CA LEU B 59 12.85 -21.62 5.31
C LEU B 59 13.38 -21.92 6.72
N TYR B 60 12.52 -21.66 7.72
CA TYR B 60 12.86 -21.78 9.13
C TYR B 60 13.09 -23.25 9.50
N VAL B 61 12.10 -24.10 9.18
CA VAL B 61 12.09 -25.51 9.53
C VAL B 61 13.32 -26.22 8.94
N THR B 62 13.68 -25.90 7.69
CA THR B 62 14.80 -26.55 7.03
C THR B 62 16.11 -26.23 7.76
N VAL B 63 16.33 -24.96 8.15
CA VAL B 63 17.57 -24.54 8.77
C VAL B 63 17.59 -24.93 10.24
N GLN B 64 16.42 -24.86 10.91
CA GLN B 64 16.32 -25.18 12.33
C GLN B 64 16.76 -26.62 12.59
N HIS B 65 16.21 -27.56 11.82
CA HIS B 65 16.63 -28.94 11.90
C HIS B 65 18.05 -29.06 11.33
N LYS B 66 18.95 -29.65 12.13
CA LYS B 66 20.31 -29.94 11.71
C LYS B 66 20.27 -31.18 10.80
N LYS B 67 19.16 -31.94 10.91
CA LYS B 67 18.74 -32.90 9.90
C LYS B 67 18.36 -32.15 8.62
N LEU B 68 17.72 -32.84 7.67
CA LEU B 68 17.20 -32.19 6.46
C LEU B 68 18.35 -31.50 5.74
N ARG B 69 19.36 -32.28 5.35
CA ARG B 69 20.53 -31.75 4.64
C ARG B 69 20.70 -32.51 3.33
N THR B 70 19.56 -32.95 2.78
CA THR B 70 19.54 -33.68 1.52
C THR B 70 19.49 -32.64 0.38
N PRO B 71 20.17 -32.90 -0.77
CA PRO B 71 20.17 -31.99 -1.91
C PRO B 71 18.82 -31.33 -2.22
N LEU B 72 17.74 -32.12 -2.07
CA LEU B 72 16.37 -31.67 -2.26
C LEU B 72 16.04 -30.49 -1.35
N ASN B 73 16.48 -30.56 -0.08
CA ASN B 73 16.10 -29.60 0.94
C ASN B 73 16.87 -28.30 0.76
N TYR B 74 18.10 -28.40 0.21
CA TYR B 74 18.94 -27.26 -0.13
C TYR B 74 18.30 -26.42 -1.23
N ILE B 75 17.79 -27.10 -2.26
CA ILE B 75 17.10 -26.48 -3.38
C ILE B 75 15.77 -25.88 -2.90
N LEU B 76 15.00 -26.63 -2.10
CA LEU B 76 13.67 -26.22 -1.69
C LEU B 76 13.72 -25.22 -0.55
N LEU B 77 14.91 -25.04 0.03
CA LEU B 77 15.21 -23.87 0.84
C LEU B 77 15.65 -22.70 -0.05
N ASN B 78 16.46 -22.98 -1.07
CA ASN B 78 16.89 -21.97 -2.03
C ASN B 78 15.68 -21.28 -2.66
N LEU B 79 14.64 -22.08 -2.98
CA LEU B 79 13.38 -21.60 -3.52
C LEU B 79 12.61 -20.79 -2.48
N ALA B 80 12.52 -21.32 -1.25
CA ALA B 80 11.89 -20.59 -0.16
C ALA B 80 12.55 -19.21 0.03
N VAL B 81 13.86 -19.10 -0.27
CA VAL B 81 14.58 -17.83 -0.24
C VAL B 81 14.12 -16.92 -1.37
N ALA B 82 14.24 -17.43 -2.61
CA ALA B 82 13.94 -16.63 -3.80
C ALA B 82 12.45 -16.30 -3.87
N ASP B 83 11.60 -17.18 -3.32
CA ASP B 83 10.15 -16.98 -3.28
C ASP B 83 9.82 -15.81 -2.36
N LEU B 84 10.65 -15.61 -1.33
CA LEU B 84 10.50 -14.48 -0.41
C LEU B 84 11.11 -13.22 -1.02
N PHE B 85 12.14 -13.37 -1.85
CA PHE B 85 12.63 -12.26 -2.66
C PHE B 85 11.58 -11.79 -3.66
N MET B 86 10.82 -12.75 -4.20
CA MET B 86 9.71 -12.45 -5.10
C MET B 86 8.64 -11.66 -4.34
N VAL B 87 8.25 -12.18 -3.18
CA VAL B 87 7.13 -11.66 -2.40
C VAL B 87 7.43 -10.22 -1.99
N PHE B 88 8.60 -10.02 -1.38
CA PHE B 88 8.93 -8.72 -0.78
C PHE B 88 9.55 -7.80 -1.84
N GLY B 89 10.26 -8.37 -2.82
CA GLY B 89 10.91 -7.58 -3.85
C GLY B 89 9.95 -7.18 -4.98
N GLY B 90 9.21 -8.17 -5.49
CA GLY B 90 8.38 -8.02 -6.68
C GLY B 90 6.91 -7.77 -6.36
N PHE B 91 6.30 -8.73 -5.67
CA PHE B 91 4.85 -8.75 -5.46
C PHE B 91 4.36 -7.49 -4.76
N THR B 92 5.16 -6.98 -3.83
CA THR B 92 4.82 -5.76 -3.11
C THR B 92 4.58 -4.61 -4.09
N THR B 93 5.52 -4.44 -5.05
CA THR B 93 5.45 -3.35 -6.02
C THR B 93 4.18 -3.47 -6.86
N THR B 94 3.89 -4.69 -7.34
CA THR B 94 2.80 -4.94 -8.27
C THR B 94 1.45 -4.92 -7.53
N LEU B 95 1.44 -5.27 -6.24
CA LEU B 95 0.21 -5.17 -5.47
C LEU B 95 -0.13 -3.70 -5.25
N TYR B 96 0.90 -2.86 -5.06
CA TYR B 96 0.72 -1.42 -4.85
C TYR B 96 0.39 -0.71 -6.17
N THR B 97 1.06 -1.14 -7.24
CA THR B 97 0.81 -0.61 -8.57
C THR B 97 -0.58 -0.99 -9.07
N SER B 98 -1.09 -2.18 -8.69
CA SER B 98 -2.44 -2.62 -9.01
C SER B 98 -3.47 -1.65 -8.44
N LEU B 99 -3.18 -1.12 -7.24
CA LEU B 99 -4.07 -0.19 -6.57
C LEU B 99 -4.19 1.08 -7.40
N HIS B 100 -3.05 1.73 -7.63
CA HIS B 100 -3.02 3.02 -8.30
C HIS B 100 -3.38 2.84 -9.77
N GLY B 101 -3.03 1.68 -10.34
CA GLY B 101 -3.36 1.35 -11.71
C GLY B 101 -2.24 1.71 -12.68
N TYR B 102 -1.07 2.01 -12.12
CA TYR B 102 0.10 2.35 -12.91
C TYR B 102 1.33 2.33 -12.01
N PHE B 103 2.51 2.19 -12.63
CA PHE B 103 3.78 2.17 -11.92
C PHE B 103 4.05 3.56 -11.37
N VAL B 104 3.44 3.80 -10.21
CA VAL B 104 3.49 5.09 -9.54
C VAL B 104 4.91 5.28 -8.99
N PHE B 105 5.58 4.18 -8.66
CA PHE B 105 6.93 4.21 -8.11
C PHE B 105 7.91 4.79 -9.12
N GLY B 106 7.71 4.47 -10.41
CA GLY B 106 8.50 5.06 -11.48
C GLY B 106 9.21 4.00 -12.30
N PRO B 107 10.06 4.39 -13.27
CA PRO B 107 10.74 3.43 -14.15
C PRO B 107 11.54 2.39 -13.37
N THR B 108 12.18 2.82 -12.28
CA THR B 108 12.92 1.94 -11.40
C THR B 108 11.94 1.07 -10.59
N GLY B 109 10.76 1.60 -10.29
CA GLY B 109 9.68 0.82 -9.69
C GLY B 109 9.27 -0.38 -10.52
N CYS B 110 9.32 -0.23 -11.86
CA CYS B 110 9.05 -1.32 -12.79
C CYS B 110 10.15 -2.36 -12.74
N ASN B 111 11.41 -1.90 -12.63
CA ASN B 111 12.56 -2.79 -12.66
C ASN B 111 12.48 -3.80 -11.52
N LEU B 112 12.07 -3.35 -10.33
CA LEU B 112 11.87 -4.22 -9.17
C LEU B 112 10.92 -5.37 -9.49
N GLU B 113 9.74 -5.04 -10.01
CA GLU B 113 8.71 -6.02 -10.26
C GLU B 113 9.24 -7.09 -11.20
N GLY B 114 9.88 -6.64 -12.29
CA GLY B 114 10.37 -7.52 -13.34
C GLY B 114 11.60 -8.32 -12.90
N PHE B 115 12.43 -7.75 -12.03
CA PHE B 115 13.69 -8.36 -11.65
C PHE B 115 13.46 -9.63 -10.82
N PHE B 116 12.62 -9.53 -9.79
CA PHE B 116 12.40 -10.65 -8.87
C PHE B 116 11.38 -11.62 -9.45
N ALA B 117 10.56 -11.16 -10.40
CA ALA B 117 9.77 -12.06 -11.23
C ALA B 117 10.69 -12.89 -12.12
N THR B 118 11.83 -12.30 -12.55
CA THR B 118 12.81 -12.97 -13.39
C THR B 118 13.69 -13.92 -12.58
N LEU B 119 14.14 -13.46 -11.41
CA LEU B 119 14.88 -14.34 -10.52
C LEU B 119 14.03 -15.55 -10.16
N GLY B 120 12.80 -15.30 -9.70
CA GLY B 120 11.88 -16.34 -9.25
C GLY B 120 11.70 -17.47 -10.26
N GLY B 121 11.54 -17.12 -11.53
CA GLY B 121 11.37 -18.10 -12.59
C GLY B 121 12.65 -18.85 -12.92
N GLU B 122 13.78 -18.11 -12.93
CA GLU B 122 15.08 -18.64 -13.34
C GLU B 122 15.69 -19.50 -12.23
N ILE B 123 15.55 -19.06 -10.98
CA ILE B 123 16.02 -19.82 -9.83
C ILE B 123 15.11 -21.05 -9.64
N ALA B 124 13.85 -20.96 -10.08
CA ALA B 124 12.95 -22.10 -10.13
C ALA B 124 13.31 -23.04 -11.28
N LEU B 125 13.71 -22.46 -12.42
CA LEU B 125 14.10 -23.23 -13.60
C LEU B 125 15.40 -23.99 -13.36
N TRP B 126 16.46 -23.24 -13.00
CA TRP B 126 17.81 -23.78 -12.87
C TRP B 126 17.91 -24.71 -11.67
N SER B 127 16.96 -24.60 -10.73
CA SER B 127 16.81 -25.55 -9.64
C SER B 127 16.25 -26.88 -10.14
N LEU B 128 15.34 -26.83 -11.12
CA LEU B 128 14.82 -28.04 -11.73
C LEU B 128 15.84 -28.67 -12.68
N VAL B 129 16.82 -27.89 -13.14
CA VAL B 129 17.96 -28.43 -13.89
C VAL B 129 18.85 -29.23 -12.95
N VAL B 130 18.98 -28.76 -11.70
CA VAL B 130 19.79 -29.42 -10.67
C VAL B 130 19.08 -30.68 -10.20
N LEU B 131 17.76 -30.60 -9.94
CA LEU B 131 16.97 -31.75 -9.51
C LEU B 131 16.95 -32.84 -10.59
N ALA B 132 17.02 -32.43 -11.87
CA ALA B 132 17.07 -33.35 -13.01
C ALA B 132 18.39 -34.12 -13.03
N ILE B 133 19.51 -33.39 -12.81
CA ILE B 133 20.86 -33.94 -12.81
C ILE B 133 21.06 -34.87 -11.62
N GLU B 134 20.46 -34.51 -10.47
CA GLU B 134 20.78 -35.18 -9.22
C GLU B 134 20.09 -36.53 -9.13
N ARG B 135 18.83 -36.61 -9.63
CA ARG B 135 18.08 -37.85 -9.58
C ARG B 135 18.56 -38.83 -10.65
N TYR B 136 19.25 -38.35 -11.69
CA TYR B 136 19.90 -39.23 -12.65
C TYR B 136 21.16 -39.86 -12.06
N VAL B 137 21.89 -39.14 -11.19
CA VAL B 137 23.17 -39.61 -10.67
C VAL B 137 22.97 -40.65 -9.56
N VAL B 138 21.77 -40.69 -8.94
CA VAL B 138 21.49 -41.65 -7.88
C VAL B 138 20.72 -42.85 -8.43
N VAL B 139 19.70 -42.61 -9.28
CA VAL B 139 18.80 -43.66 -9.75
C VAL B 139 19.53 -44.55 -10.76
N CYS B 140 19.99 -43.95 -11.87
CA CYS B 140 20.72 -44.66 -12.91
C CYS B 140 22.13 -45.04 -12.43
N LYS B 141 22.66 -44.30 -11.44
CA LYS B 141 23.87 -44.67 -10.72
C LYS B 141 25.09 -44.61 -11.65
N PRO B 142 25.27 -43.52 -12.45
CA PRO B 142 26.39 -43.42 -13.39
C PRO B 142 27.77 -43.20 -12.74
N MET B 143 27.85 -42.28 -11.77
CA MET B 143 29.06 -42.09 -10.99
C MET B 143 28.76 -42.55 -9.57
N SER B 144 29.54 -43.54 -9.09
CA SER B 144 29.39 -44.12 -7.75
C SER B 144 30.03 -43.20 -6.70
N GLY B 149 25.68 -35.15 -1.95
CA GLY B 149 25.38 -35.18 -0.51
C GLY B 149 25.16 -33.78 0.05
N GLU B 150 26.15 -33.28 0.82
CA GLU B 150 26.10 -31.95 1.42
C GLU B 150 26.88 -30.96 0.56
N ASN B 151 28.18 -31.18 0.33
CA ASN B 151 29.00 -30.22 -0.41
C ASN B 151 28.53 -30.12 -1.86
N HIS B 152 28.22 -31.28 -2.48
CA HIS B 152 27.73 -31.35 -3.86
C HIS B 152 26.53 -30.42 -4.07
N ALA B 153 25.58 -30.47 -3.13
CA ALA B 153 24.28 -29.81 -3.23
C ALA B 153 24.44 -28.29 -3.14
N ILE B 154 25.26 -27.82 -2.20
CA ILE B 154 25.46 -26.40 -1.97
C ILE B 154 26.17 -25.74 -3.17
N MET B 155 27.00 -26.51 -3.89
CA MET B 155 27.69 -25.99 -5.07
C MET B 155 26.68 -25.80 -6.21
N GLY B 156 25.77 -26.78 -6.34
CA GLY B 156 24.78 -26.80 -7.42
C GLY B 156 23.57 -25.91 -7.15
N VAL B 157 23.40 -25.43 -5.91
CA VAL B 157 22.36 -24.46 -5.58
C VAL B 157 22.92 -23.05 -5.79
N ALA B 158 24.24 -22.88 -5.66
CA ALA B 158 24.93 -21.65 -5.99
C ALA B 158 24.91 -21.41 -7.50
N PHE B 159 24.88 -22.50 -8.26
CA PHE B 159 24.73 -22.48 -9.71
C PHE B 159 23.44 -21.78 -10.14
N THR B 160 22.33 -22.00 -9.41
CA THR B 160 21.01 -21.50 -9.81
C THR B 160 20.97 -19.97 -9.76
N TRP B 161 21.61 -19.40 -8.73
CA TRP B 161 21.72 -17.96 -8.57
C TRP B 161 22.68 -17.36 -9.61
N VAL B 162 23.74 -18.10 -9.97
CA VAL B 162 24.71 -17.66 -10.95
C VAL B 162 24.03 -17.42 -12.30
N MET B 163 23.15 -18.37 -12.66
CA MET B 163 22.52 -18.42 -13.97
C MET B 163 21.27 -17.53 -14.01
N ALA B 164 20.53 -17.47 -12.90
CA ALA B 164 19.35 -16.62 -12.81
C ALA B 164 19.72 -15.15 -12.97
N LEU B 165 20.90 -14.78 -12.44
CA LEU B 165 21.41 -13.42 -12.49
C LEU B 165 22.03 -13.12 -13.86
N ALA B 166 22.44 -14.17 -14.57
CA ALA B 166 22.79 -14.03 -15.97
C ALA B 166 21.57 -13.59 -16.78
N CYS B 167 20.37 -13.96 -16.29
CA CYS B 167 19.13 -13.65 -16.98
C CYS B 167 18.51 -12.33 -16.51
N ALA B 168 18.51 -12.11 -15.18
CA ALA B 168 17.73 -11.04 -14.57
C ALA B 168 18.49 -9.71 -14.57
N ALA B 169 19.83 -9.77 -14.51
CA ALA B 169 20.66 -8.58 -14.35
C ALA B 169 20.70 -7.74 -15.63
N PRO B 170 20.91 -8.33 -16.82
CA PRO B 170 21.14 -7.55 -18.05
C PRO B 170 20.10 -6.49 -18.41
N PRO B 171 18.78 -6.71 -18.21
CA PRO B 171 17.79 -5.63 -18.31
C PRO B 171 18.20 -4.37 -17.54
N LEU B 172 18.79 -4.60 -16.35
CA LEU B 172 19.22 -3.54 -15.47
C LEU B 172 20.58 -2.99 -15.91
N VAL B 173 21.34 -3.81 -16.65
CA VAL B 173 22.55 -3.37 -17.34
C VAL B 173 22.19 -2.33 -18.40
N GLY B 174 21.06 -2.54 -19.08
CA GLY B 174 20.67 -1.71 -20.21
C GLY B 174 20.68 -2.50 -21.52
N TRP B 175 21.01 -3.80 -21.43
CA TRP B 175 20.74 -4.73 -22.52
C TRP B 175 19.40 -5.41 -22.28
N SER B 176 18.43 -5.14 -23.17
CA SER B 176 17.02 -5.35 -22.89
C SER B 176 16.55 -4.34 -21.84
N ARG B 177 15.34 -4.53 -21.31
CA ARG B 177 14.85 -3.70 -20.24
C ARG B 177 13.57 -4.33 -19.71
N TYR B 178 13.20 -3.95 -18.48
CA TYR B 178 11.89 -4.30 -17.95
C TYR B 178 10.91 -3.21 -18.39
N ILE B 179 9.71 -3.63 -18.81
CA ILE B 179 8.72 -2.73 -19.38
C ILE B 179 7.33 -3.22 -18.97
N PRO B 180 6.40 -2.29 -18.62
CA PRO B 180 5.06 -2.70 -18.16
C PRO B 180 4.29 -3.51 -19.20
N GLU B 181 3.71 -4.62 -18.74
CA GLU B 181 3.08 -5.60 -19.61
C GLU B 181 1.57 -5.63 -19.41
N GLY B 182 0.82 -5.70 -20.51
CA GLY B 182 -0.61 -5.92 -20.46
C GLY B 182 -1.36 -4.75 -19.83
N MET B 183 -1.82 -4.93 -18.58
CA MET B 183 -2.61 -3.91 -17.90
C MET B 183 -1.71 -2.82 -17.33
N GLN B 184 -0.38 -2.98 -17.51
CA GLN B 184 0.62 -2.05 -17.03
C GLN B 184 0.70 -2.16 -15.50
N CYS B 185 0.72 -3.41 -15.02
CA CYS B 185 0.83 -3.72 -13.60
C CYS B 185 2.03 -4.62 -13.33
N SER B 186 2.21 -5.66 -14.15
CA SER B 186 3.41 -6.47 -14.12
C SER B 186 4.49 -5.80 -14.98
N CYS B 187 5.73 -6.28 -14.86
CA CYS B 187 6.80 -5.87 -15.75
C CYS B 187 7.58 -7.09 -16.23
N GLY B 188 8.24 -6.94 -17.37
CA GLY B 188 8.93 -8.04 -17.99
C GLY B 188 9.79 -7.57 -19.17
N ILE B 189 10.47 -8.53 -19.81
CA ILE B 189 11.40 -8.23 -20.87
C ILE B 189 10.64 -7.62 -22.03
N ASP B 190 11.32 -6.73 -22.76
CA ASP B 190 10.69 -6.00 -23.85
C ASP B 190 10.59 -6.93 -25.06
N TYR B 191 9.39 -7.49 -25.22
CA TYR B 191 9.03 -8.32 -26.37
C TYR B 191 8.36 -7.47 -27.43
N TYR B 192 8.06 -6.22 -27.08
CA TYR B 192 7.09 -5.43 -27.83
C TYR B 192 7.86 -4.57 -28.83
N THR B 193 8.67 -3.64 -28.31
CA THR B 193 9.39 -2.71 -29.15
C THR B 193 10.69 -3.36 -29.60
N PRO B 194 11.20 -3.04 -30.80
CA PRO B 194 12.53 -3.47 -31.23
C PRO B 194 13.60 -2.84 -30.34
N HIS B 195 13.41 -1.54 -30.05
CA HIS B 195 14.31 -0.77 -29.21
C HIS B 195 15.74 -1.24 -29.47
N GLU B 196 16.23 -0.97 -30.68
CA GLU B 196 17.55 -1.41 -31.08
C GLU B 196 18.61 -0.67 -30.25
N GLU B 197 18.31 0.56 -29.78
CA GLU B 197 19.16 1.27 -28.84
C GLU B 197 19.48 0.37 -27.65
N THR B 198 18.42 -0.31 -27.16
CA THR B 198 18.49 -1.23 -26.04
C THR B 198 18.95 -2.62 -26.49
N ASN B 199 18.72 -2.92 -27.77
CA ASN B 199 19.16 -4.16 -28.41
C ASN B 199 18.36 -5.34 -27.87
N ASN B 200 17.14 -5.07 -27.41
CA ASN B 200 16.39 -6.04 -26.61
C ASN B 200 15.87 -7.18 -27.50
N GLU B 201 15.89 -6.96 -28.82
CA GLU B 201 15.60 -8.00 -29.79
C GLU B 201 16.50 -9.21 -29.54
N SER B 202 17.80 -8.96 -29.42
CA SER B 202 18.83 -9.98 -29.26
C SER B 202 18.71 -10.70 -27.93
N PHE B 203 18.30 -9.99 -26.88
CA PHE B 203 18.21 -10.55 -25.54
C PHE B 203 17.13 -11.63 -25.47
N VAL B 204 16.01 -11.37 -26.14
CA VAL B 204 14.86 -12.27 -26.10
C VAL B 204 15.28 -13.64 -26.65
N ILE B 205 16.11 -13.61 -27.71
CA ILE B 205 16.74 -14.80 -28.25
C ILE B 205 17.59 -15.46 -27.16
N TYR B 206 18.54 -14.69 -26.63
CA TYR B 206 19.47 -15.15 -25.60
C TYR B 206 18.72 -15.82 -24.45
N MET B 207 17.59 -15.23 -24.06
CA MET B 207 16.83 -15.70 -22.92
C MET B 207 16.10 -17.01 -23.26
N PHE B 208 15.38 -17.04 -24.40
CA PHE B 208 14.66 -18.23 -24.81
C PHE B 208 15.63 -19.35 -25.20
N VAL B 209 16.90 -18.99 -25.49
CA VAL B 209 17.96 -19.93 -25.82
C VAL B 209 18.61 -20.48 -24.55
N VAL B 210 19.29 -19.58 -23.82
CA VAL B 210 20.19 -19.98 -22.73
C VAL B 210 19.38 -20.25 -21.47
N HIS B 211 18.23 -19.57 -21.32
CA HIS B 211 17.49 -19.57 -20.07
C HIS B 211 16.10 -20.20 -20.24
N PHE B 212 15.96 -21.10 -21.22
CA PHE B 212 14.71 -21.82 -21.43
C PHE B 212 15.00 -23.14 -22.15
N ILE B 213 15.61 -23.04 -23.33
CA ILE B 213 15.81 -24.20 -24.19
C ILE B 213 16.88 -25.11 -23.60
N ILE B 214 18.03 -24.52 -23.20
CA ILE B 214 19.15 -25.27 -22.64
C ILE B 214 18.72 -26.01 -21.37
N PRO B 215 18.05 -25.34 -20.40
CA PRO B 215 17.42 -26.03 -19.27
C PRO B 215 16.48 -27.20 -19.61
N LEU B 216 15.55 -27.00 -20.56
CA LEU B 216 14.52 -27.98 -20.87
C LEU B 216 15.10 -29.21 -21.59
N ILE B 217 16.19 -28.98 -22.35
CA ILE B 217 17.07 -30.02 -22.88
C ILE B 217 17.53 -30.94 -21.74
N VAL B 218 18.30 -30.35 -20.82
CA VAL B 218 18.98 -31.07 -19.75
C VAL B 218 17.97 -31.76 -18.84
N ILE B 219 16.77 -31.15 -18.69
CA ILE B 219 15.69 -31.73 -17.91
C ILE B 219 15.25 -33.05 -18.56
N PHE B 220 14.86 -33.00 -19.83
CA PHE B 220 14.28 -34.16 -20.48
C PHE B 220 15.38 -35.11 -20.97
N PHE B 221 16.61 -34.59 -21.06
CA PHE B 221 17.78 -35.43 -21.27
C PHE B 221 17.96 -36.40 -20.11
N CYS B 222 17.78 -35.89 -18.88
CA CYS B 222 17.91 -36.67 -17.66
C CYS B 222 16.65 -37.50 -17.42
N TYR B 223 15.49 -36.97 -17.82
CA TYR B 223 14.21 -37.65 -17.71
C TYR B 223 14.15 -38.84 -18.66
N GLY B 224 14.82 -38.70 -19.81
CA GLY B 224 14.88 -39.75 -20.82
C GLY B 224 15.83 -40.89 -20.44
N GLN B 225 16.74 -40.62 -19.50
CA GLN B 225 17.64 -41.65 -18.96
C GLN B 225 16.81 -42.65 -18.16
N LEU B 226 15.76 -42.16 -17.48
CA LEU B 226 14.85 -43.00 -16.71
C LEU B 226 13.60 -43.32 -17.53
N VAL B 227 13.82 -43.92 -18.73
CA VAL B 227 12.80 -44.60 -19.52
C VAL B 227 13.08 -46.11 -19.44
N PHE B 228 14.37 -46.47 -19.61
CA PHE B 228 14.82 -47.86 -19.61
C PHE B 228 14.94 -48.37 -18.17
N ALA B 241 13.98 -51.80 0.30
CA ALA B 241 12.66 -51.21 -0.04
C ALA B 241 12.67 -49.71 0.27
N THR B 242 13.01 -49.34 1.53
CA THR B 242 12.70 -48.04 2.11
C THR B 242 13.62 -46.93 1.59
N THR B 243 14.89 -47.25 1.26
CA THR B 243 15.79 -46.36 0.53
C THR B 243 15.09 -45.82 -0.72
N GLN B 244 14.39 -46.73 -1.41
CA GLN B 244 13.78 -46.46 -2.70
C GLN B 244 12.36 -45.88 -2.54
N LYS B 245 11.73 -46.04 -1.37
CA LYS B 245 10.52 -45.30 -1.01
C LYS B 245 10.84 -43.82 -0.83
N ALA B 246 11.94 -43.54 -0.10
CA ALA B 246 12.49 -42.20 0.05
C ALA B 246 12.93 -41.65 -1.32
N GLU B 247 13.54 -42.51 -2.13
CA GLU B 247 13.92 -42.20 -3.50
C GLU B 247 12.70 -41.85 -4.33
N LYS B 248 11.68 -42.73 -4.27
CA LYS B 248 10.52 -42.72 -5.14
C LYS B 248 9.72 -41.43 -4.97
N GLU B 249 9.37 -41.12 -3.72
CA GLU B 249 8.52 -39.99 -3.40
C GLU B 249 9.24 -38.68 -3.73
N VAL B 250 10.57 -38.66 -3.55
CA VAL B 250 11.38 -37.47 -3.75
C VAL B 250 11.76 -37.33 -5.23
N THR B 251 11.93 -38.45 -5.95
CA THR B 251 12.14 -38.43 -7.39
C THR B 251 10.80 -38.19 -8.11
N ARG B 252 9.69 -38.60 -7.47
CA ARG B 252 8.34 -38.29 -7.94
C ARG B 252 8.04 -36.80 -7.77
N MET B 253 8.56 -36.22 -6.69
CA MET B 253 8.32 -34.82 -6.37
C MET B 253 9.09 -33.93 -7.34
N VAL B 254 10.26 -34.38 -7.79
CA VAL B 254 11.04 -33.71 -8.84
C VAL B 254 10.18 -33.58 -10.10
N ILE B 255 9.42 -34.64 -10.39
CA ILE B 255 8.50 -34.68 -11.53
C ILE B 255 7.36 -33.68 -11.31
N ILE B 256 6.71 -33.77 -10.15
CA ILE B 256 5.59 -32.89 -9.83
C ILE B 256 6.06 -31.43 -9.75
N MET B 257 7.31 -31.21 -9.34
CA MET B 257 7.87 -29.88 -9.27
C MET B 257 8.02 -29.29 -10.67
N VAL B 258 8.38 -30.11 -11.66
CA VAL B 258 8.50 -29.66 -13.04
C VAL B 258 7.11 -29.53 -13.66
N ILE B 259 6.25 -30.54 -13.45
CA ILE B 259 4.85 -30.49 -13.89
C ILE B 259 4.24 -29.14 -13.54
N ALA B 260 4.43 -28.70 -12.28
CA ALA B 260 3.93 -27.41 -11.82
C ALA B 260 4.61 -26.27 -12.56
N PHE B 261 5.93 -26.37 -12.75
CA PHE B 261 6.71 -25.32 -13.39
C PHE B 261 6.28 -25.13 -14.85
N LEU B 262 5.93 -26.23 -15.52
CA LEU B 262 5.47 -26.16 -16.89
C LEU B 262 4.05 -25.57 -16.94
N ILE B 263 3.15 -26.06 -16.06
CA ILE B 263 1.83 -25.48 -15.89
C ILE B 263 1.94 -23.95 -15.78
N CYS B 264 2.90 -23.50 -14.97
CA CYS B 264 2.98 -22.13 -14.51
C CYS B 264 3.50 -21.21 -15.61
N TRP B 265 4.64 -21.59 -16.19
CA TRP B 265 5.48 -20.68 -16.96
C TRP B 265 5.22 -20.76 -18.46
N LEU B 266 4.67 -21.88 -18.93
CA LEU B 266 4.33 -22.07 -20.33
C LEU B 266 3.45 -20.94 -20.86
N PRO B 267 2.27 -20.68 -20.25
CA PRO B 267 1.33 -19.69 -20.79
C PRO B 267 1.98 -18.35 -21.09
N TYR B 268 2.65 -17.78 -20.07
CA TYR B 268 3.32 -16.50 -20.19
C TYR B 268 4.43 -16.57 -21.23
N ALA B 269 5.18 -17.67 -21.23
CA ALA B 269 6.29 -17.88 -22.16
C ALA B 269 5.78 -17.92 -23.59
N GLY B 270 4.60 -18.54 -23.76
CA GLY B 270 3.93 -18.62 -25.05
C GLY B 270 3.53 -17.24 -25.57
N VAL B 271 2.80 -16.50 -24.73
CA VAL B 271 2.32 -15.16 -25.09
C VAL B 271 3.50 -14.22 -25.32
N ALA B 272 4.56 -14.36 -24.50
CA ALA B 272 5.75 -13.55 -24.61
C ALA B 272 6.40 -13.71 -25.99
N PHE B 273 6.43 -14.96 -26.46
CA PHE B 273 6.94 -15.28 -27.78
C PHE B 273 6.00 -14.79 -28.86
N TYR B 274 4.68 -14.97 -28.64
CA TYR B 274 3.66 -14.61 -29.60
C TYR B 274 3.75 -13.12 -29.92
N ILE B 275 4.00 -12.29 -28.89
CA ILE B 275 4.17 -10.85 -29.06
C ILE B 275 5.50 -10.55 -29.74
N PHE B 276 6.54 -11.30 -29.38
CA PHE B 276 7.86 -11.14 -29.98
C PHE B 276 7.82 -11.42 -31.48
N THR B 277 7.01 -12.40 -31.86
CA THR B 277 6.80 -12.75 -33.25
C THR B 277 5.97 -11.68 -33.95
N HIS B 278 4.82 -11.34 -33.34
CA HIS B 278 3.84 -10.46 -33.93
C HIS B 278 3.94 -9.06 -33.31
N GLN B 279 5.15 -8.48 -33.33
CA GLN B 279 5.37 -7.15 -32.80
C GLN B 279 4.59 -6.13 -33.63
N GLY B 280 3.79 -5.28 -32.97
CA GLY B 280 3.03 -4.24 -33.65
C GLY B 280 1.62 -4.68 -34.04
N SER B 281 1.26 -5.92 -33.68
CA SER B 281 -0.01 -6.51 -34.06
C SER B 281 -1.11 -6.07 -33.11
N ASP B 282 -2.33 -6.55 -33.36
CA ASP B 282 -3.50 -6.14 -32.58
C ASP B 282 -3.76 -7.16 -31.48
N PHE B 283 -3.43 -6.77 -30.23
CA PHE B 283 -3.69 -7.61 -29.07
C PHE B 283 -4.02 -6.74 -27.86
N GLY B 284 -4.97 -7.22 -27.04
CA GLY B 284 -5.50 -6.45 -25.92
C GLY B 284 -4.56 -6.42 -24.72
N PRO B 285 -4.87 -5.61 -23.68
CA PRO B 285 -4.04 -5.53 -22.48
C PRO B 285 -4.13 -6.80 -21.64
N ILE B 286 -5.26 -7.51 -21.75
CA ILE B 286 -5.53 -8.63 -20.87
C ILE B 286 -4.87 -9.88 -21.43
N PHE B 287 -4.57 -9.86 -22.73
CA PHE B 287 -3.90 -10.94 -23.44
C PHE B 287 -2.68 -11.43 -22.65
N MET B 288 -1.82 -10.48 -22.25
CA MET B 288 -0.51 -10.80 -21.66
C MET B 288 -0.60 -10.88 -20.13
N THR B 289 -1.43 -10.00 -19.54
CA THR B 289 -1.40 -9.78 -18.10
C THR B 289 -1.91 -11.02 -17.36
N ILE B 290 -2.85 -11.76 -17.98
CA ILE B 290 -3.45 -12.93 -17.34
C ILE B 290 -2.41 -14.02 -17.10
N PRO B 291 -1.69 -14.51 -18.14
CA PRO B 291 -0.66 -15.53 -17.94
C PRO B 291 0.56 -15.06 -17.15
N ALA B 292 0.80 -13.73 -17.18
CA ALA B 292 1.87 -13.10 -16.42
C ALA B 292 1.58 -13.20 -14.92
N PHE B 293 0.37 -12.79 -14.49
CA PHE B 293 -0.02 -12.86 -13.10
C PHE B 293 -0.20 -14.30 -12.65
N PHE B 294 -0.63 -15.17 -13.57
CA PHE B 294 -0.74 -16.58 -13.28
C PHE B 294 0.62 -17.18 -12.93
N ALA B 295 1.69 -16.72 -13.62
CA ALA B 295 3.02 -17.28 -13.45
C ALA B 295 3.69 -16.77 -12.17
N LYS B 296 3.00 -15.88 -11.43
CA LYS B 296 3.48 -15.36 -10.16
C LYS B 296 3.04 -16.27 -9.01
N THR B 297 2.43 -17.42 -9.33
CA THR B 297 2.13 -18.44 -8.34
C THR B 297 3.37 -19.31 -8.07
N SER B 298 4.47 -19.05 -8.80
CA SER B 298 5.72 -19.78 -8.64
C SER B 298 6.26 -19.61 -7.21
N ALA B 299 5.96 -18.46 -6.59
CA ALA B 299 6.37 -18.18 -5.23
C ALA B 299 5.73 -19.13 -4.23
N VAL B 300 4.49 -19.58 -4.49
CA VAL B 300 3.71 -20.25 -3.46
C VAL B 300 3.63 -21.76 -3.69
N TYR B 301 3.62 -22.21 -4.95
CA TYR B 301 3.32 -23.60 -5.24
C TYR B 301 4.49 -24.50 -4.87
N ASN B 302 5.74 -23.99 -4.99
CA ASN B 302 6.92 -24.81 -4.79
C ASN B 302 6.96 -25.44 -3.40
N PRO B 303 6.89 -24.67 -2.28
CA PRO B 303 6.85 -25.26 -0.94
C PRO B 303 5.63 -26.10 -0.62
N VAL B 304 4.48 -25.79 -1.24
CA VAL B 304 3.24 -26.55 -1.06
C VAL B 304 3.43 -28.00 -1.51
N ILE B 305 4.25 -28.20 -2.55
CA ILE B 305 4.65 -29.53 -2.98
C ILE B 305 5.54 -30.16 -1.92
N TYR B 306 6.53 -29.39 -1.45
CA TYR B 306 7.56 -29.86 -0.52
C TYR B 306 6.94 -30.31 0.81
N ILE B 307 5.79 -29.73 1.19
CA ILE B 307 5.03 -30.21 2.34
C ILE B 307 4.16 -31.38 1.91
N MET B 308 3.35 -31.19 0.85
CA MET B 308 2.35 -32.14 0.40
C MET B 308 2.99 -33.50 0.15
N MET B 309 4.06 -33.53 -0.65
CA MET B 309 4.63 -34.77 -1.15
C MET B 309 5.68 -35.31 -0.18
N ASN B 310 6.66 -34.47 0.17
CA ASN B 310 7.74 -34.88 1.06
C ASN B 310 7.17 -35.02 2.47
N LYS B 311 7.06 -36.28 2.93
CA LYS B 311 6.50 -36.62 4.23
C LYS B 311 7.52 -36.30 5.32
N GLN B 312 8.82 -36.49 5.01
CA GLN B 312 9.88 -36.34 5.98
C GLN B 312 9.92 -34.89 6.46
N PHE B 313 9.68 -33.94 5.55
CA PHE B 313 9.57 -32.54 5.91
C PHE B 313 8.35 -32.33 6.80
N ARG B 314 7.17 -32.77 6.33
CA ARG B 314 5.88 -32.49 6.97
C ARG B 314 5.91 -32.80 8.47
N ASN B 315 6.54 -33.94 8.83
CA ASN B 315 6.73 -34.34 10.23
C ASN B 315 7.45 -33.25 11.02
N CYS B 316 8.57 -32.76 10.46
CA CYS B 316 9.50 -31.85 11.10
C CYS B 316 8.95 -30.43 11.14
N MET B 317 8.08 -30.10 10.19
CA MET B 317 7.40 -28.81 10.17
C MET B 317 6.49 -28.71 11.40
N VAL B 318 5.76 -29.80 11.69
CA VAL B 318 4.83 -29.81 12.81
C VAL B 318 5.63 -29.76 14.12
N THR B 319 6.86 -30.31 14.10
CA THR B 319 7.78 -30.26 15.23
C THR B 319 8.07 -28.82 15.63
N THR B 320 8.39 -28.02 14.62
CA THR B 320 8.74 -26.62 14.80
C THR B 320 7.49 -25.84 15.23
N LEU B 321 6.37 -26.04 14.52
CA LEU B 321 5.09 -25.46 14.86
C LEU B 321 4.73 -25.84 16.29
N CYS B 322 4.41 -27.12 16.47
CA CYS B 322 3.93 -27.65 17.74
C CYS B 322 5.15 -28.04 18.57
N CYS B 323 5.67 -27.05 19.31
CA CYS B 323 7.01 -27.09 19.88
C CYS B 323 7.20 -28.34 20.76
N GLN C 1 -25.14 27.77 18.84
CA GLN C 1 -24.83 28.36 17.51
C GLN C 1 -23.82 29.50 17.71
N VAL C 2 -22.61 29.33 17.17
CA VAL C 2 -21.45 30.13 17.52
C VAL C 2 -21.52 31.49 16.83
N GLN C 3 -21.05 32.54 17.53
CA GLN C 3 -21.06 33.91 17.01
C GLN C 3 -19.98 34.75 17.71
N LEU C 4 -18.93 35.12 16.97
CA LEU C 4 -17.82 35.94 17.48
C LEU C 4 -17.88 37.34 16.87
N VAL C 5 -18.10 38.35 17.73
CA VAL C 5 -18.05 39.75 17.35
C VAL C 5 -16.58 40.17 17.26
N GLU C 6 -16.28 41.17 16.43
CA GLU C 6 -14.90 41.53 16.11
C GLU C 6 -14.68 43.02 16.31
N SER C 7 -15.06 43.54 17.49
CA SER C 7 -15.10 44.97 17.76
C SER C 7 -13.71 45.53 18.01
N GLY C 8 -13.62 46.88 18.02
CA GLY C 8 -12.37 47.59 18.20
C GLY C 8 -11.51 47.56 16.94
N GLY C 9 -11.08 48.74 16.45
CA GLY C 9 -10.17 48.83 15.32
C GLY C 9 -10.63 49.81 14.24
N GLY C 10 -9.66 50.33 13.49
CA GLY C 10 -9.91 51.35 12.48
C GLY C 10 -8.60 51.97 11.97
N LEU C 11 -8.67 53.23 11.52
CA LEU C 11 -7.50 53.93 11.01
C LEU C 11 -6.76 54.57 12.18
N VAL C 12 -5.43 54.35 12.22
CA VAL C 12 -4.62 54.71 13.39
C VAL C 12 -3.30 55.31 12.90
N GLN C 13 -2.66 56.10 13.78
CA GLN C 13 -1.46 56.83 13.40
C GLN C 13 -0.25 55.89 13.43
N PRO C 14 0.67 55.98 12.43
CA PRO C 14 1.96 55.31 12.48
C PRO C 14 2.72 55.53 13.80
N GLY C 15 2.77 54.47 14.62
CA GLY C 15 3.36 54.55 15.95
C GLY C 15 2.31 54.89 17.02
N GLY C 16 1.02 54.77 16.67
CA GLY C 16 -0.07 55.04 17.58
C GLY C 16 -0.39 53.86 18.50
N SER C 17 -1.69 53.58 18.67
CA SER C 17 -2.17 52.56 19.59
C SER C 17 -3.65 52.29 19.28
N LEU C 18 -4.18 51.16 19.79
CA LEU C 18 -5.56 50.76 19.55
C LEU C 18 -5.86 49.48 20.33
N ARG C 19 -7.05 49.40 20.93
CA ARG C 19 -7.47 48.22 21.69
C ARG C 19 -8.56 47.48 20.91
N LEU C 20 -8.40 46.15 20.71
CA LEU C 20 -9.35 45.34 19.96
C LEU C 20 -10.23 44.54 20.94
N SER C 21 -11.37 44.06 20.41
CA SER C 21 -12.35 43.31 21.19
C SER C 21 -12.89 42.14 20.37
N CYS C 22 -13.53 41.20 21.08
CA CYS C 22 -14.02 39.97 20.46
C CYS C 22 -15.03 39.31 21.39
N ALA C 23 -16.31 39.71 21.25
CA ALA C 23 -17.39 39.17 22.06
C ALA C 23 -17.80 37.80 21.55
N ALA C 24 -17.62 36.78 22.40
CA ALA C 24 -17.95 35.40 22.06
C ALA C 24 -19.39 35.08 22.44
N SER C 25 -20.09 34.33 21.56
CA SER C 25 -21.46 33.92 21.77
C SER C 25 -21.68 32.51 21.24
N GLY C 26 -22.34 31.66 22.05
CA GLY C 26 -22.82 30.36 21.61
C GLY C 26 -21.83 29.23 21.84
N PHE C 27 -21.17 29.20 23.02
CA PHE C 27 -20.34 28.07 23.44
C PHE C 27 -19.78 28.29 24.84
N THR C 28 -19.33 27.19 25.48
CA THR C 28 -18.60 27.25 26.73
C THR C 28 -17.29 28.02 26.50
N PHE C 29 -17.27 29.30 26.89
CA PHE C 29 -16.17 30.19 26.53
C PHE C 29 -14.92 29.83 27.32
N SER C 30 -15.07 29.67 28.65
CA SER C 30 -13.96 29.44 29.55
C SER C 30 -13.40 28.02 29.39
N LYS C 31 -14.19 27.17 28.72
CA LYS C 31 -13.87 25.76 28.57
C LYS C 31 -12.82 25.56 27.47
N TYR C 32 -12.61 26.57 26.61
CA TYR C 32 -11.49 26.50 25.69
C TYR C 32 -10.87 27.87 25.41
N ALA C 33 -9.92 27.88 24.48
CA ALA C 33 -8.96 28.96 24.34
C ALA C 33 -9.44 29.91 23.24
N MET C 34 -8.69 30.99 23.03
CA MET C 34 -8.97 31.93 21.95
C MET C 34 -7.65 32.54 21.45
N ASN C 35 -7.60 32.87 20.16
CA ASN C 35 -6.43 33.45 19.52
C ASN C 35 -6.80 34.76 18.83
N TRP C 36 -5.77 35.46 18.33
CA TRP C 36 -5.92 36.55 17.39
C TRP C 36 -5.08 36.25 16.14
N VAL C 37 -5.68 36.50 14.97
CA VAL C 37 -5.05 36.21 13.70
C VAL C 37 -5.40 37.33 12.72
N ARG C 38 -4.42 37.80 11.94
CA ARG C 38 -4.61 38.94 11.06
C ARG C 38 -4.36 38.55 9.61
N GLN C 39 -4.98 39.31 8.69
CA GLN C 39 -4.84 39.13 7.26
C GLN C 39 -4.08 40.33 6.66
N PRO C 40 -2.73 40.22 6.51
CA PRO C 40 -1.95 41.22 5.81
C PRO C 40 -2.42 41.43 4.38
N PRO C 41 -2.47 42.68 3.88
CA PRO C 41 -2.87 42.95 2.49
C PRO C 41 -1.76 42.50 1.54
N GLY C 42 -1.84 41.23 1.13
CA GLY C 42 -0.88 40.68 0.17
C GLY C 42 -0.49 39.25 0.50
N LYS C 43 -0.14 39.01 1.78
CA LYS C 43 0.39 37.73 2.20
C LYS C 43 -0.64 37.02 3.08
N GLY C 44 -0.37 35.75 3.41
CA GLY C 44 -1.33 34.92 4.11
C GLY C 44 -1.51 35.33 5.57
N LEU C 45 -2.49 34.71 6.24
CA LEU C 45 -2.82 34.99 7.63
C LEU C 45 -1.61 34.79 8.53
N GLU C 46 -1.42 35.72 9.47
CA GLU C 46 -0.44 35.60 10.53
C GLU C 46 -1.16 35.28 11.83
N TRP C 47 -0.74 34.21 12.50
CA TRP C 47 -1.13 33.98 13.89
C TRP C 47 -0.47 35.04 14.77
N VAL C 48 -1.28 35.99 15.26
CA VAL C 48 -0.78 37.14 15.99
C VAL C 48 -0.42 36.69 17.41
N SER C 49 -1.45 36.26 18.16
CA SER C 49 -1.33 35.95 19.57
C SER C 49 -2.31 34.83 19.96
N GLY C 50 -2.15 34.33 21.18
CA GLY C 50 -3.03 33.30 21.72
C GLY C 50 -2.95 33.25 23.24
N ILE C 51 -3.96 32.61 23.86
CA ILE C 51 -4.05 32.56 25.32
C ILE C 51 -4.84 31.32 25.75
N ARG C 52 -4.46 30.77 26.91
CA ARG C 52 -4.98 29.53 27.45
C ARG C 52 -6.44 29.72 27.87
N PRO C 53 -7.22 28.64 28.12
CA PRO C 53 -8.62 28.76 28.54
C PRO C 53 -8.85 29.52 29.85
N SER C 54 -8.03 29.18 30.87
CA SER C 54 -8.03 29.89 32.14
C SER C 54 -7.55 31.33 31.96
N GLY C 55 -6.76 31.58 30.92
CA GLY C 55 -6.28 32.91 30.60
C GLY C 55 -4.87 33.16 31.14
N ASP C 56 -4.28 32.12 31.73
CA ASP C 56 -3.05 32.24 32.50
C ASP C 56 -1.88 32.59 31.60
N ASN C 57 -1.68 31.86 30.49
CA ASN C 57 -0.44 32.00 29.75
C ASN C 57 -0.73 32.53 28.35
N PRO C 58 -0.42 33.83 28.04
CA PRO C 58 -0.50 34.34 26.67
C PRO C 58 0.78 34.07 25.88
N THR C 59 0.63 33.94 24.55
CA THR C 59 1.74 33.72 23.64
C THR C 59 1.61 34.68 22.46
N TYR C 60 2.74 35.23 22.00
CA TYR C 60 2.79 36.18 20.90
C TYR C 60 3.77 35.69 19.84
N ALA C 61 3.58 36.16 18.60
CA ALA C 61 4.56 36.00 17.54
C ALA C 61 5.71 36.99 17.78
N ASP C 62 6.87 36.71 17.16
CA ASP C 62 8.03 37.60 17.18
C ASP C 62 7.70 38.95 16.55
N SER C 63 6.82 38.91 15.53
CA SER C 63 6.42 40.09 14.78
C SER C 63 5.87 41.17 15.73
N VAL C 64 5.02 40.75 16.67
CA VAL C 64 4.36 41.66 17.58
C VAL C 64 4.70 41.26 19.02
N GLU C 65 5.98 40.95 19.25
CA GLU C 65 6.44 40.45 20.53
C GLU C 65 6.59 41.63 21.51
N GLY C 66 5.63 41.76 22.44
CA GLY C 66 5.72 42.77 23.48
C GLY C 66 5.08 44.10 23.08
N ARG C 67 5.00 44.39 21.77
CA ARG C 67 4.24 45.55 21.29
C ARG C 67 2.76 45.30 21.50
N PHE C 68 2.28 44.14 21.01
CA PHE C 68 0.91 43.71 21.21
C PHE C 68 0.80 42.97 22.54
N THR C 69 -0.43 42.84 23.04
CA THR C 69 -0.63 42.14 24.29
C THR C 69 -2.09 41.68 24.38
N ILE C 70 -2.28 40.43 24.81
CA ILE C 70 -3.56 39.74 24.71
C ILE C 70 -4.07 39.41 26.11
N ILE C 71 -5.38 39.56 26.32
CA ILE C 71 -6.03 39.17 27.55
C ILE C 71 -7.54 39.00 27.30
N ARG C 72 -8.18 38.15 28.11
CA ARG C 72 -9.54 37.71 27.88
C ARG C 72 -10.37 37.86 29.14
N ASP C 73 -11.68 38.11 28.96
CA ASP C 73 -12.64 38.15 30.06
C ASP C 73 -13.60 36.98 29.92
N ASN C 74 -13.49 36.02 30.86
CA ASN C 74 -14.28 34.80 30.85
C ASN C 74 -15.72 35.10 31.25
N ASP C 75 -15.88 36.04 32.19
CA ASP C 75 -17.19 36.40 32.71
C ASP C 75 -18.02 37.02 31.61
N LYS C 76 -17.40 37.94 30.85
CA LYS C 76 -18.07 38.74 29.85
C LYS C 76 -18.06 38.03 28.49
N LYS C 77 -17.21 36.99 28.34
CA LYS C 77 -17.02 36.30 27.07
C LYS C 77 -16.43 37.27 26.06
N MET C 78 -15.17 37.67 26.29
CA MET C 78 -14.52 38.67 25.47
C MET C 78 -13.02 38.40 25.40
N VAL C 79 -12.42 38.78 24.27
CA VAL C 79 -10.98 38.69 24.08
C VAL C 79 -10.48 40.02 23.54
N TYR C 80 -9.39 40.52 24.11
CA TYR C 80 -8.86 41.82 23.77
C TYR C 80 -7.44 41.69 23.21
N LEU C 81 -7.05 42.67 22.40
CA LEU C 81 -5.69 42.76 21.91
C LEU C 81 -5.25 44.22 21.93
N GLN C 82 -4.56 44.61 23.01
CA GLN C 82 -4.04 45.98 23.14
C GLN C 82 -2.76 46.08 22.29
N MET C 83 -2.90 46.75 21.14
CA MET C 83 -1.83 46.94 20.19
C MET C 83 -1.19 48.30 20.46
N THR C 84 0.14 48.33 20.61
CA THR C 84 0.83 49.55 20.96
C THR C 84 2.09 49.72 20.10
N SER C 85 2.44 50.99 19.86
CA SER C 85 3.60 51.33 19.06
C SER C 85 3.51 50.62 17.70
N LEU C 86 2.45 50.96 16.95
CA LEU C 86 2.07 50.20 15.77
C LEU C 86 3.04 50.50 14.63
N LYS C 87 2.85 49.78 13.51
CA LYS C 87 3.65 49.95 12.31
C LYS C 87 2.73 49.87 11.09
N THR C 88 3.31 50.11 9.91
CA THR C 88 2.54 50.07 8.68
C THR C 88 2.19 48.64 8.30
N GLU C 89 3.06 47.66 8.62
CA GLU C 89 2.85 46.26 8.26
C GLU C 89 1.87 45.58 9.20
N ASP C 90 1.53 46.23 10.32
CA ASP C 90 0.50 45.76 11.23
C ASP C 90 -0.88 45.98 10.62
N THR C 91 -0.92 46.74 9.51
CA THR C 91 -2.14 46.95 8.75
C THR C 91 -2.66 45.61 8.25
N ALA C 92 -3.84 45.21 8.74
CA ALA C 92 -4.42 43.92 8.40
C ALA C 92 -5.83 43.82 8.96
N VAL C 93 -6.54 42.76 8.55
CA VAL C 93 -7.87 42.45 9.07
C VAL C 93 -7.73 41.39 10.16
N TYR C 94 -8.06 41.75 11.40
CA TYR C 94 -7.80 40.89 12.55
C TYR C 94 -9.02 40.02 12.86
N TYR C 95 -8.81 38.70 13.00
CA TYR C 95 -9.85 37.76 13.37
C TYR C 95 -9.49 37.08 14.68
N CYS C 96 -10.51 36.75 15.47
CA CYS C 96 -10.30 36.03 16.72
C CYS C 96 -10.82 34.61 16.54
N THR C 97 -9.89 33.68 16.61
CA THR C 97 -10.16 32.27 16.39
C THR C 97 -10.30 31.60 17.74
N ARG C 98 -10.98 30.44 17.76
CA ARG C 98 -11.11 29.62 18.95
C ARG C 98 -10.04 28.52 18.90
N GLY C 99 -9.88 27.81 20.03
CA GLY C 99 -8.98 26.67 20.10
C GLY C 99 -7.51 27.10 20.06
N TYR C 100 -6.78 26.61 19.05
CA TYR C 100 -5.35 26.88 18.88
C TYR C 100 -5.04 27.20 17.42
N GLY C 101 -6.08 27.31 16.58
CA GLY C 101 -5.92 27.25 15.13
C GLY C 101 -6.02 28.63 14.48
N THR C 102 -5.43 28.73 13.27
CA THR C 102 -5.50 29.90 12.40
C THR C 102 -6.82 29.87 11.62
N MET C 103 -7.60 28.80 11.82
CA MET C 103 -8.89 28.63 11.17
C MET C 103 -9.88 29.65 11.76
N THR C 104 -10.36 30.56 10.93
CA THR C 104 -11.12 31.70 11.42
C THR C 104 -12.63 31.42 11.38
N ILE C 105 -13.23 31.34 12.57
CA ILE C 105 -14.68 31.41 12.73
C ILE C 105 -15.05 32.89 12.75
N GLU C 106 -16.34 33.18 12.51
CA GLU C 106 -16.85 34.53 12.30
C GLU C 106 -16.17 35.15 11.07
N GLY C 107 -15.90 36.46 11.13
CA GLY C 107 -15.23 37.13 10.03
C GLY C 107 -15.54 38.63 10.00
N GLN C 108 -15.23 39.24 8.85
CA GLN C 108 -15.08 40.69 8.69
C GLN C 108 -13.88 41.18 9.49
N GLY C 109 -13.80 40.72 10.75
CA GLY C 109 -12.65 40.99 11.58
C GLY C 109 -12.63 42.45 12.01
N THR C 110 -11.52 43.14 11.71
CA THR C 110 -11.40 44.55 12.03
C THR C 110 -10.24 45.11 11.22
N GLN C 111 -10.57 45.95 10.22
CA GLN C 111 -9.56 46.53 9.34
C GLN C 111 -8.82 47.62 10.12
N VAL C 112 -7.68 47.24 10.70
CA VAL C 112 -6.79 48.14 11.42
C VAL C 112 -5.75 48.66 10.43
N THR C 113 -6.07 49.78 9.78
CA THR C 113 -5.24 50.38 8.76
C THR C 113 -4.31 51.39 9.43
N VAL C 114 -2.99 51.16 9.35
CA VAL C 114 -2.02 51.98 10.09
C VAL C 114 -1.39 53.01 9.13
N GLN D 1 24.18 5.91 -33.55
CA GLN D 1 23.82 7.28 -33.10
C GLN D 1 22.75 7.83 -34.05
N VAL D 2 21.53 8.06 -33.52
CA VAL D 2 20.34 8.29 -34.33
C VAL D 2 20.35 9.72 -34.87
N GLN D 3 19.86 9.89 -36.11
CA GLN D 3 19.87 11.17 -36.81
C GLN D 3 18.74 11.19 -37.84
N LEU D 4 17.66 11.94 -37.55
CA LEU D 4 16.50 12.06 -38.43
C LEU D 4 16.46 13.46 -39.04
N VAL D 5 16.64 13.50 -40.37
CA VAL D 5 16.51 14.73 -41.14
C VAL D 5 15.02 15.02 -41.35
N GLU D 6 14.66 16.29 -41.51
CA GLU D 6 13.26 16.69 -41.55
C GLU D 6 13.00 17.58 -42.78
N SER D 7 13.38 17.07 -43.96
CA SER D 7 13.39 17.85 -45.19
C SER D 7 11.98 18.00 -45.77
N GLY D 8 11.85 18.92 -46.74
CA GLY D 8 10.58 19.25 -47.37
C GLY D 8 9.70 20.12 -46.47
N GLY D 9 9.22 21.26 -47.00
CA GLY D 9 8.28 22.11 -46.28
C GLY D 9 8.68 23.60 -46.27
N GLY D 10 7.67 24.46 -46.09
CA GLY D 10 7.85 25.91 -46.15
C GLY D 10 6.51 26.65 -46.25
N LEU D 11 6.50 27.83 -46.88
CA LEU D 11 5.29 28.63 -47.02
C LEU D 11 4.53 28.16 -48.27
N VAL D 12 3.22 27.92 -48.11
CA VAL D 12 2.42 27.25 -49.13
C VAL D 12 1.05 27.92 -49.27
N GLN D 13 0.46 27.70 -50.45
CA GLN D 13 -0.87 28.15 -50.88
C GLN D 13 -1.98 27.63 -49.97
N PRO D 14 -2.93 28.50 -49.52
CA PRO D 14 -4.23 28.03 -49.01
C PRO D 14 -4.96 27.17 -50.05
N GLY D 15 -4.99 25.84 -49.81
CA GLY D 15 -5.46 24.88 -50.79
C GLY D 15 -4.35 24.45 -51.76
N GLY D 16 -3.10 24.60 -51.32
CA GLY D 16 -1.94 24.24 -52.12
C GLY D 16 -1.59 22.77 -51.96
N SER D 17 -0.28 22.49 -51.91
CA SER D 17 0.27 21.15 -51.80
C SER D 17 1.74 21.26 -51.41
N LEU D 18 2.32 20.15 -50.93
CA LEU D 18 3.71 20.12 -50.49
C LEU D 18 4.08 18.69 -50.08
N ARG D 19 5.27 18.24 -50.44
CA ARG D 19 5.75 16.90 -50.10
C ARG D 19 6.87 17.01 -49.05
N LEU D 20 6.74 16.25 -47.95
CA LEU D 20 7.71 16.27 -46.87
C LEU D 20 8.62 15.05 -46.96
N SER D 21 9.76 15.13 -46.25
CA SER D 21 10.78 14.10 -46.24
C SER D 21 11.34 13.92 -44.84
N CYS D 22 12.03 12.78 -44.63
CA CYS D 22 12.53 12.42 -43.31
C CYS D 22 13.59 11.33 -43.47
N ALA D 23 14.84 11.75 -43.70
CA ALA D 23 15.96 10.85 -43.90
C ALA D 23 16.43 10.30 -42.54
N ALA D 24 16.28 8.99 -42.36
CA ALA D 24 16.65 8.32 -41.11
C ALA D 24 18.10 7.85 -41.19
N SER D 25 18.83 8.03 -40.08
CA SER D 25 20.24 7.65 -39.97
C SER D 25 20.52 7.11 -38.57
N GLY D 26 21.23 5.98 -38.49
CA GLY D 26 21.76 5.47 -37.24
C GLY D 26 20.83 4.48 -36.53
N PHE D 27 20.22 3.57 -37.30
CA PHE D 27 19.46 2.44 -36.76
C PHE D 27 18.94 1.57 -37.91
N THR D 28 18.60 0.32 -37.58
CA THR D 28 17.91 -0.56 -38.51
C THR D 28 16.54 0.01 -38.81
N PHE D 29 16.40 0.64 -39.99
CA PHE D 29 15.24 1.43 -40.33
C PHE D 29 14.01 0.55 -40.54
N SER D 30 14.17 -0.53 -41.32
CA SER D 30 13.07 -1.40 -41.69
C SER D 30 12.60 -2.24 -40.51
N LYS D 31 13.42 -2.31 -39.45
CA LYS D 31 13.06 -2.97 -38.20
C LYS D 31 12.08 -2.10 -37.40
N TYR D 32 12.04 -0.81 -37.71
CA TYR D 32 11.26 0.19 -36.99
C TYR D 32 10.07 0.65 -37.81
N ALA D 33 9.01 1.11 -37.14
CA ALA D 33 7.96 1.89 -37.78
C ALA D 33 8.34 3.36 -37.74
N MET D 34 7.53 4.21 -38.38
CA MET D 34 7.76 5.64 -38.39
C MET D 34 6.41 6.37 -38.46
N ASN D 35 6.33 7.54 -37.80
CA ASN D 35 5.14 8.35 -37.79
C ASN D 35 5.46 9.76 -38.30
N TRP D 36 4.39 10.56 -38.47
CA TRP D 36 4.49 12.00 -38.64
C TRP D 36 3.64 12.69 -37.57
N VAL D 37 4.19 13.74 -36.97
CA VAL D 37 3.53 14.45 -35.88
C VAL D 37 3.83 15.93 -36.05
N ARG D 38 2.80 16.78 -35.85
CA ARG D 38 2.94 18.21 -36.08
C ARG D 38 2.66 18.99 -34.80
N GLN D 39 3.25 20.18 -34.73
CA GLN D 39 3.12 21.09 -33.61
C GLN D 39 2.36 22.34 -34.06
N PRO D 40 1.02 22.39 -33.88
CA PRO D 40 0.24 23.60 -34.13
C PRO D 40 0.74 24.77 -33.29
N PRO D 41 0.89 25.99 -33.86
CA PRO D 41 1.33 27.15 -33.10
C PRO D 41 0.18 27.61 -32.20
N GLY D 42 0.13 27.03 -31.00
CA GLY D 42 -0.90 27.33 -30.03
C GLY D 42 -1.21 26.13 -29.15
N LYS D 43 -1.58 25.01 -29.80
CA LYS D 43 -2.11 23.84 -29.10
C LYS D 43 -1.12 22.68 -29.22
N GLY D 44 -1.43 21.56 -28.55
CA GLY D 44 -0.49 20.46 -28.40
C GLY D 44 -0.28 19.67 -29.69
N LEU D 45 0.71 18.77 -29.67
CA LEU D 45 1.07 17.96 -30.83
C LEU D 45 -0.13 17.15 -31.32
N GLU D 46 -0.28 17.09 -32.64
CA GLU D 46 -1.20 16.18 -33.28
C GLU D 46 -0.41 15.04 -33.92
N TRP D 47 -0.77 13.80 -33.61
CA TRP D 47 -0.34 12.65 -34.37
C TRP D 47 -0.98 12.70 -35.76
N VAL D 48 -0.19 13.01 -36.78
CA VAL D 48 -0.69 13.24 -38.13
C VAL D 48 -0.98 11.87 -38.76
N SER D 49 0.09 11.07 -38.94
CA SER D 49 0.00 9.82 -39.68
C SER D 49 1.02 8.81 -39.13
N GLY D 50 0.90 7.56 -39.60
CA GLY D 50 1.81 6.49 -39.20
C GLY D 50 1.76 5.33 -40.19
N ILE D 51 2.78 4.47 -40.13
CA ILE D 51 2.92 3.36 -41.06
C ILE D 51 3.77 2.25 -40.42
N ARG D 52 3.45 0.99 -40.78
CA ARG D 52 4.06 -0.20 -40.20
C ARG D 52 5.51 -0.31 -40.66
N PRO D 53 6.35 -1.18 -40.03
CA PRO D 53 7.75 -1.31 -40.41
C PRO D 53 8.00 -1.78 -41.85
N SER D 54 7.25 -2.81 -42.26
CA SER D 54 7.22 -3.29 -43.63
C SER D 54 6.65 -2.23 -44.58
N GLY D 55 5.82 -1.34 -44.04
CA GLY D 55 5.25 -0.25 -44.81
C GLY D 55 3.83 -0.57 -45.28
N ASP D 56 3.28 -1.70 -44.81
CA ASP D 56 2.04 -2.27 -45.33
C ASP D 56 0.86 -1.32 -45.17
N ASN D 57 0.55 -0.95 -43.94
CA ASN D 57 -0.72 -0.30 -43.66
C ASN D 57 -0.44 1.11 -43.14
N PRO D 58 -0.68 2.18 -43.93
CA PRO D 58 -0.61 3.55 -43.41
C PRO D 58 -1.92 3.95 -42.71
N THR D 59 -1.79 4.78 -41.67
CA THR D 59 -2.91 5.22 -40.85
C THR D 59 -2.84 6.74 -40.70
N TYR D 60 -4.00 7.39 -40.76
CA TYR D 60 -4.09 8.84 -40.72
C TYR D 60 -5.07 9.26 -39.61
N ALA D 61 -4.91 10.50 -39.13
CA ALA D 61 -5.91 11.12 -38.29
C ALA D 61 -7.09 11.55 -39.17
N ASP D 62 -8.26 11.75 -38.55
CA ASP D 62 -9.43 12.20 -39.30
C ASP D 62 -9.23 13.65 -39.75
N SER D 63 -8.40 14.41 -39.03
CA SER D 63 -8.03 15.77 -39.38
C SER D 63 -7.49 15.85 -40.81
N VAL D 64 -6.60 14.92 -41.16
CA VAL D 64 -5.94 14.91 -42.45
C VAL D 64 -6.22 13.58 -43.14
N GLU D 65 -7.47 13.13 -43.07
CA GLU D 65 -7.87 11.83 -43.59
C GLU D 65 -8.05 11.92 -45.11
N GLY D 66 -7.08 11.40 -45.86
CA GLY D 66 -7.19 11.35 -47.31
C GLY D 66 -6.61 12.59 -48.00
N ARG D 67 -6.57 13.73 -47.30
CA ARG D 67 -5.87 14.90 -47.81
C ARG D 67 -4.36 14.64 -47.77
N PHE D 68 -3.86 14.22 -46.60
CA PHE D 68 -2.47 13.84 -46.45
C PHE D 68 -2.30 12.37 -46.80
N THR D 69 -1.05 11.97 -47.04
CA THR D 69 -0.78 10.59 -47.38
C THR D 69 0.69 10.27 -47.11
N ILE D 70 0.94 9.11 -46.49
CA ILE D 70 2.24 8.76 -45.94
C ILE D 70 2.78 7.53 -46.67
N ILE D 71 4.10 7.55 -46.94
CA ILE D 71 4.78 6.41 -47.52
C ILE D 71 6.27 6.52 -47.21
N ARG D 72 6.94 5.36 -47.14
CA ARG D 72 8.30 5.28 -46.64
C ARG D 72 9.16 4.49 -47.61
N ASP D 73 10.45 4.84 -47.68
CA ASP D 73 11.43 4.11 -48.46
C ASP D 73 12.42 3.42 -47.52
N ASN D 74 12.35 2.08 -47.46
CA ASN D 74 13.18 1.29 -46.56
C ASN D 74 14.61 1.24 -47.08
N ASP D 75 14.73 1.20 -48.42
CA ASP D 75 16.01 1.09 -49.10
C ASP D 75 16.83 2.34 -48.80
N LYS D 76 16.18 3.50 -48.94
CA LYS D 76 16.86 4.79 -48.86
C LYS D 76 16.83 5.33 -47.42
N LYS D 77 16.01 4.72 -46.56
CA LYS D 77 15.82 5.16 -45.18
C LYS D 77 15.18 6.55 -45.18
N MET D 78 13.91 6.61 -45.61
CA MET D 78 13.22 7.89 -45.78
C MET D 78 11.73 7.69 -45.51
N VAL D 79 11.08 8.76 -45.01
CA VAL D 79 9.65 8.77 -44.80
C VAL D 79 9.10 10.06 -45.40
N TYR D 80 8.00 9.93 -46.16
CA TYR D 80 7.42 11.05 -46.88
C TYR D 80 6.01 11.33 -46.39
N LEU D 81 5.57 12.58 -46.54
CA LEU D 81 4.19 12.94 -46.26
C LEU D 81 3.70 13.90 -47.35
N GLN D 82 3.03 13.36 -48.38
CA GLN D 82 2.45 14.18 -49.44
C GLN D 82 1.16 14.81 -48.92
N MET D 83 1.26 16.11 -48.63
CA MET D 83 0.14 16.89 -48.10
C MET D 83 -0.54 17.59 -49.28
N THR D 84 -1.86 17.45 -49.39
CA THR D 84 -2.59 18.02 -50.51
C THR D 84 -3.86 18.69 -50.03
N SER D 85 -4.28 19.72 -50.78
CA SER D 85 -5.47 20.49 -50.48
C SER D 85 -5.40 21.00 -49.04
N LEU D 86 -4.37 21.82 -48.77
CA LEU D 86 -3.99 22.21 -47.42
C LEU D 86 -5.00 23.20 -46.85
N LYS D 87 -4.80 23.53 -45.57
CA LYS D 87 -5.64 24.50 -44.86
C LYS D 87 -4.77 25.37 -43.96
N THR D 88 -5.36 26.36 -43.31
CA THR D 88 -4.62 27.27 -42.45
C THR D 88 -4.23 26.58 -41.14
N GLU D 89 -5.06 25.64 -40.65
CA GLU D 89 -4.80 24.95 -39.40
C GLU D 89 -3.78 23.82 -39.57
N ASP D 90 -3.44 23.48 -40.82
CA ASP D 90 -2.36 22.55 -41.10
C ASP D 90 -1.01 23.22 -40.88
N THR D 91 -1.02 24.54 -40.66
CA THR D 91 0.16 25.30 -40.31
C THR D 91 0.72 24.76 -39.00
N ALA D 92 1.93 24.17 -39.06
CA ALA D 92 2.55 23.56 -37.88
C ALA D 92 3.97 23.13 -38.21
N VAL D 93 4.70 22.71 -37.18
CA VAL D 93 6.05 22.18 -37.32
C VAL D 93 5.96 20.66 -37.29
N TYR D 94 6.32 20.01 -38.40
CA TYR D 94 6.12 18.58 -38.57
C TYR D 94 7.38 17.80 -38.17
N TYR D 95 7.21 16.78 -37.31
CA TYR D 95 8.29 15.91 -36.87
C TYR D 95 7.97 14.47 -37.26
N CYS D 96 9.02 13.68 -37.55
CA CYS D 96 8.87 12.27 -37.83
C CYS D 96 9.41 11.48 -36.66
N THR D 97 8.51 10.76 -36.00
CA THR D 97 8.83 9.99 -34.81
C THR D 97 8.98 8.53 -35.22
N ARG D 98 9.67 7.75 -34.38
CA ARG D 98 9.86 6.33 -34.58
C ARG D 98 8.82 5.57 -33.77
N GLY D 99 8.71 4.26 -34.02
CA GLY D 99 7.85 3.38 -33.26
C GLY D 99 6.37 3.64 -33.52
N TYR D 100 5.63 4.01 -32.46
CA TYR D 100 4.20 4.29 -32.54
C TYR D 100 3.85 5.54 -31.75
N GLY D 101 4.87 6.29 -31.28
CA GLY D 101 4.68 7.31 -30.27
C GLY D 101 4.68 8.72 -30.85
N THR D 102 3.92 9.63 -30.21
CA THR D 102 3.98 11.07 -30.49
C THR D 102 5.14 11.67 -29.71
N MET D 103 5.92 10.81 -29.02
CA MET D 103 7.22 11.12 -28.46
C MET D 103 8.17 11.50 -29.61
N THR D 104 8.59 12.77 -29.62
CA THR D 104 9.31 13.33 -30.76
C THR D 104 10.81 13.24 -30.54
N ILE D 105 11.46 12.45 -31.41
CA ILE D 105 12.91 12.38 -31.47
C ILE D 105 13.39 13.58 -32.30
N GLU D 106 14.66 13.94 -32.06
CA GLU D 106 15.25 15.19 -32.50
C GLU D 106 15.14 15.32 -34.02
N GLY D 107 14.58 16.44 -34.44
CA GLY D 107 14.72 16.90 -35.81
C GLY D 107 14.44 18.40 -35.90
N GLN D 108 14.92 19.01 -36.99
CA GLN D 108 14.61 20.38 -37.35
C GLN D 108 13.09 20.58 -37.23
N GLY D 109 12.35 19.52 -37.57
CA GLY D 109 10.98 19.61 -38.01
C GLY D 109 10.90 20.27 -39.38
N THR D 110 9.75 20.88 -39.67
CA THR D 110 9.58 21.63 -40.91
C THR D 110 8.37 22.56 -40.75
N GLN D 111 8.65 23.86 -40.66
CA GLN D 111 7.60 24.86 -40.48
C GLN D 111 6.85 25.03 -41.80
N VAL D 112 5.74 24.31 -41.91
CA VAL D 112 4.83 24.38 -43.05
C VAL D 112 3.76 25.42 -42.73
N THR D 113 4.04 26.69 -43.09
CA THR D 113 3.12 27.79 -42.84
C THR D 113 2.17 27.93 -44.04
N VAL D 114 0.86 27.78 -43.80
CA VAL D 114 -0.12 27.75 -44.87
C VAL D 114 -0.80 29.12 -44.98
C1 NAG E . 0.72 26.97 10.51
C2 NAG E . -0.68 26.72 9.94
C3 NAG E . -0.83 27.25 8.51
C4 NAG E . -0.18 28.62 8.31
C5 NAG E . 1.25 28.59 8.83
C6 NAG E . 1.97 29.92 8.71
C7 NAG E . -1.92 24.74 10.70
C8 NAG E . -2.25 23.31 10.41
N2 NAG E . -1.00 25.31 9.92
O3 NAG E . -2.22 27.31 8.26
O4 NAG E . -0.17 28.92 6.91
O5 NAG E . 1.25 28.26 10.23
O6 NAG E . 1.96 30.40 7.35
O7 NAG E . -2.49 25.38 11.59
C1 NAG E . -1.09 29.93 6.46
C2 NAG E . -0.70 30.35 5.04
C3 NAG E . -1.65 31.43 4.53
C4 NAG E . -3.10 30.95 4.63
C5 NAG E . -3.40 30.48 6.05
C6 NAG E . -4.78 29.86 6.17
C7 NAG E . 1.58 30.19 4.20
C8 NAG E . 2.87 30.92 4.00
N2 NAG E . 0.65 30.83 4.91
O3 NAG E . -1.29 31.78 3.21
O4 NAG E . -3.97 32.05 4.35
O5 NAG E . -2.45 29.48 6.47
O6 NAG E . -5.15 29.70 7.53
O7 NAG E . 1.38 29.07 3.74
C1 BMA E . -4.40 32.17 2.99
C2 BMA E . -5.49 33.20 3.08
C3 BMA E . -5.96 33.69 1.73
C4 BMA E . -4.80 33.97 0.77
C5 BMA E . -3.84 32.81 0.76
C6 BMA E . -2.64 33.07 -0.10
O2 BMA E . -5.02 34.31 3.83
O3 BMA E . -6.66 34.90 1.95
O4 BMA E . -5.25 34.17 -0.56
O5 BMA E . -3.37 32.60 2.11
O6 BMA E . -1.57 32.18 0.22
C1 MAN E . -7.74 35.08 1.03
C2 MAN E . -8.15 36.54 1.21
C3 MAN E . -9.07 36.74 2.41
C4 MAN E . -10.11 35.63 2.53
C5 MAN E . -9.39 34.29 2.57
C6 MAN E . -10.27 33.09 2.80
O2 MAN E . -8.69 37.06 -0.01
O3 MAN E . -9.71 38.02 2.31
O4 MAN E . -10.89 35.79 3.71
O5 MAN E . -8.78 34.12 1.28
O6 MAN E . -11.28 32.97 1.80
C1 NAG E . -8.01 38.26 -0.53
C2 NAG E . -6.72 37.80 -1.22
C3 NAG E . -6.26 38.71 -2.38
C4 NAG E . -7.39 39.47 -3.06
C5 NAG E . -8.27 40.12 -2.01
C6 NAG E . -9.34 41.04 -2.57
C7 NAG E . -4.46 37.13 -0.47
C8 NAG E . -3.45 37.27 0.64
N2 NAG E . -5.64 37.70 -0.25
O3 NAG E . -5.56 37.91 -3.33
O4 NAG E . -6.82 40.45 -3.92
O5 NAG E . -8.92 39.04 -1.30
O6 NAG E . -10.22 40.40 -3.49
O7 NAG E . -4.20 36.53 -1.50
C1 MAN E . -0.69 32.05 -0.91
C2 MAN E . 0.55 31.26 -0.51
C3 MAN E . 1.49 32.07 0.38
C4 MAN E . 1.73 33.47 -0.17
C5 MAN E . 0.41 34.17 -0.56
C6 MAN E . 0.61 35.50 -1.28
O2 MAN E . 1.20 30.75 -1.67
O3 MAN E . 2.74 31.38 0.52
O4 MAN E . 2.41 34.25 0.82
O5 MAN E . -0.35 33.33 -1.46
O6 MAN E . -0.61 36.04 -1.78
C1 NAG F . 2.14 23.95 27.30
C2 NAG F . 1.46 25.24 27.74
C3 NAG F . 1.69 25.61 29.20
C4 NAG F . 1.93 24.44 30.15
C5 NAG F . 2.67 23.28 29.49
C6 NAG F . 2.68 22.03 30.34
C7 NAG F . 1.11 27.17 26.30
C8 NAG F . 1.27 28.64 26.58
N2 NAG F . 1.94 26.36 26.96
O3 NAG F . 0.53 26.34 29.59
O4 NAG F . 2.76 24.90 31.20
O5 NAG F . 2.00 22.92 28.27
O6 NAG F . 3.34 20.94 29.68
O7 NAG F . 0.27 26.73 25.52
C1 NAG F . 1.97 25.25 32.36
C2 NAG F . 2.68 24.69 33.60
C3 NAG F . 1.83 25.03 34.81
C4 NAG F . 1.65 26.53 34.89
C5 NAG F . 0.93 26.99 33.62
C6 NAG F . 0.65 28.49 33.57
C7 NAG F . 4.23 22.76 33.55
C8 NAG F . 4.44 21.61 34.50
N2 NAG F . 2.99 23.28 33.53
O3 NAG F . 2.43 24.48 35.98
O4 NAG F . 0.86 26.89 36.02
O5 NAG F . 1.75 26.64 32.48
O6 NAG F . 1.82 29.27 33.40
O7 NAG F . 5.13 23.17 32.82
C1 BMA F . 1.68 27.51 37.04
C2 BMA F . 0.74 27.70 38.25
C3 BMA F . 1.45 27.74 39.60
C4 BMA F . 2.57 26.71 39.65
C5 BMA F . 3.56 27.04 38.53
C6 BMA F . 4.89 26.28 38.58
O2 BMA F . -0.27 26.69 38.26
O3 BMA F . 0.51 27.53 40.66
O4 BMA F . 3.22 26.75 40.93
O5 BMA F . 2.88 26.73 37.29
O6 BMA F . 4.84 24.91 38.17
C1 NAG G . -1.71 10.17 -26.98
C2 NAG G . -0.42 10.57 -26.27
C3 NAG G . -0.54 11.94 -25.62
C4 NAG G . -1.19 12.96 -26.52
C5 NAG G . -2.52 12.39 -27.03
C6 NAG G . -3.27 13.34 -27.91
C7 NAG G . 1.02 8.83 -25.31
C8 NAG G . 1.27 7.97 -24.10
N2 NAG G . -0.08 9.59 -25.27
O3 NAG G . 0.77 12.37 -25.24
O4 NAG G . -1.46 14.16 -25.78
O5 NAG G . -2.23 11.21 -27.80
O6 NAG G . -3.62 14.52 -27.18
O7 NAG G . 1.77 8.84 -26.27
C1 NAG G . -0.65 15.26 -26.22
C2 NAG G . -0.98 16.53 -25.42
C3 NAG G . -0.17 17.70 -25.96
C4 NAG G . 1.32 17.39 -25.93
C5 NAG G . 1.58 16.06 -26.64
C6 NAG G . 3.01 15.56 -26.52
C7 NAG G . -3.14 16.87 -24.26
C8 NAG G . -3.99 15.66 -23.97
N2 NAG G . -2.40 16.81 -25.38
O3 NAG G . -0.47 18.88 -25.23
O4 NAG G . 2.05 18.43 -26.59
O5 NAG G . 0.74 15.01 -26.10
O6 NAG G . 3.95 16.56 -26.88
O7 NAG G . -3.15 17.86 -23.54
C1 BMA G . 2.53 19.54 -25.78
C2 BMA G . 3.67 20.24 -26.52
C3 BMA G . 4.07 21.56 -25.87
C4 BMA G . 2.85 22.42 -25.70
C5 BMA G . 1.88 21.67 -24.80
C6 BMA G . 0.65 22.46 -24.49
O2 BMA G . 3.29 20.47 -27.88
O3 BMA G . 5.02 22.27 -26.66
O4 BMA G . 3.20 23.68 -25.13
O5 BMA G . 1.47 20.46 -25.48
O6 BMA G . -0.41 21.60 -24.09
C1 MAN G . 6.33 22.28 -26.06
C2 MAN G . 7.08 23.37 -26.79
C3 MAN G . 7.18 23.00 -28.27
C4 MAN G . 7.76 21.59 -28.46
C5 MAN G . 7.02 20.56 -27.59
C6 MAN G . 7.70 19.20 -27.62
O2 MAN G . 8.34 23.60 -26.15
O3 MAN G . 7.97 23.98 -28.94
O4 MAN G . 7.62 21.19 -29.82
O5 MAN G . 7.00 21.02 -26.22
O6 MAN G . 7.22 18.39 -28.71
C1 MAN G . -1.13 22.13 -22.96
C2 MAN G . -2.30 21.20 -22.77
C3 MAN G . -3.23 21.26 -23.98
C4 MAN G . -3.59 22.71 -24.37
C5 MAN G . -2.37 23.65 -24.38
C6 MAN G . -2.76 25.12 -24.41
O2 MAN G . -2.96 21.47 -21.53
O3 MAN G . -4.41 20.52 -23.69
O4 MAN G . -4.16 22.72 -25.68
O5 MAN G . -1.58 23.47 -23.17
O6 MAN G . -1.62 25.94 -24.58
C1 NAG H . -2.99 -4.37 -36.08
C2 NAG H . -2.55 -3.78 -37.44
C3 NAG H . -3.12 -4.53 -38.64
C4 NAG H . -3.16 -6.04 -38.46
C5 NAG H . -3.65 -6.42 -37.07
C6 NAG H . -3.60 -7.90 -36.79
C7 NAG H . -2.15 -1.45 -37.93
C8 NAG H . -2.74 -0.41 -38.86
N2 NAG H . -2.98 -2.40 -37.54
O3 NAG H . -2.30 -4.16 -39.74
O4 NAG H . -4.09 -6.63 -39.38
O5 NAG H . -2.82 -5.78 -36.07
O6 NAG H . -4.11 -8.19 -35.50
O7 NAG H . -0.98 -1.42 -37.58
C1 NAG H . -3.53 -6.99 -40.66
C2 NAG H . -4.17 -8.27 -41.23
C3 NAG H . -3.46 -8.61 -42.54
C4 NAG H . -3.51 -7.45 -43.53
C5 NAG H . -3.12 -6.12 -42.86
C6 NAG H . -3.52 -4.92 -43.72
C7 NAG H . -5.30 -10.02 -39.89
C8 NAG H . -5.53 -11.40 -40.41
N2 NAG H . -4.18 -9.39 -40.30
O3 NAG H . -4.03 -9.78 -43.13
O4 NAG H . -2.62 -7.71 -44.60
O5 NAG H . -3.78 -5.95 -41.59
O6 NAG H . -2.93 -3.71 -43.26
O7 NAG H . -6.08 -9.49 -39.11
#